data_8T9Z
#
_entry.id   8T9Z
#
_cell.length_a   98.900
_cell.length_b   117.670
_cell.length_c   181.220
_cell.angle_alpha   90.000
_cell.angle_beta   90.000
_cell.angle_gamma   90.000
#
_symmetry.space_group_name_H-M   'I 2 2 2'
#
loop_
_entity.id
_entity.type
_entity.pdbx_description
1 polymer 'Fusion glycoprotein F0'
2 polymer 'M8C10 Fab Heavy Chain'
3 polymer 'M8C10 Fab Light Chain'
4 water water
#
loop_
_entity_poly.entity_id
_entity_poly.type
_entity_poly.pdbx_seq_one_letter_code
_entity_poly.pdbx_strand_id
1 'polypeptide(L)'
;LKESYLEESCSTITEGYLSVLRTGWYTNVFTLEVGDVENLTCTDGPSLIKTELDLTKSALRELKTVSADQLAREEQIENP
RQSRFVLGAIALGVATAAAVTAGIAIAKTIRLESEVNAIKGALKTTNEAVSTLGNGVRVLATAVRELKEFVSKNLTSAIN
KNKCDIADLKMAVSFSQFNRRFLNVVRQFSDNAGITPAISLDLMTDAELARAVSYMPTSAGQIKLMLENRAMVRRKGFGI
LIGVYGSSVIYMVQLPIFGVIDTPCWIIKAAPSCSEKDGNYACLLREDQGWYCKNAGSTVYYPNDKDCETRGDHVFCDTA
AGINVAEQSRECNINISTTNYPCKVSTGRHPISMVALSPLGALVACYKGVSCSIGSNRVGIIKQLPKGCSYITNQDADTV
TIDNTVYQLSKVEGEQHVIKGRPVSSSFDPIKFPEDQFNVALDQVFESIENSQALVDQSNKILNSAEKGNTGLVPR
;
A
2 'polypeptide(L)'
;(PCA)VQLVESGGGVVQPGRSLRLSCAASGFTFTTYTMHWVRQAPGKGLEWVALISSDGNNKYYADSVKGRFTISRDNSK
NTLYLQMSSLRAEDTAVYYCARGYYSGGDAFDVWGQGTMVTVSSASTKGPSVFPLAPSSKSTSGGTAALGCLVKDYFPEP
VTVSWNSGALTSGVHTFPAVLQSSGLYSLSSVVTVPSSSLGTQTYICNVNHKPSNTKVDKKVEPKSCDKHHHHHH
;
H
3 'polypeptide(L)'
;DIQMTQSPSTLSASVGDRVTITCRASQTITIWLAWYQQKPGKAPKLLIYDAVSLESGVPSRFRGSGSGTDFTLTISSLQP
DDFATYYCQQYNNYPYTFGQGTKLEIKRTVAAPSVFIFPPSDEQLKSGTASVVCLLNNFYPREAKVQWKVDNALQSGNSQ
ESVTEQDSKDSTYSLSSTLTLSKADYEKHKVYACEVTHQGLSSPVTKSFNRGEC
;
L
#
# COMPACT_ATOMS: atom_id res chain seq x y z
N LEU A 1 -5.17 13.34 26.54
CA LEU A 1 -5.14 14.78 26.26
C LEU A 1 -6.46 15.44 26.63
N LYS A 2 -6.37 16.73 26.97
CA LYS A 2 -7.54 17.54 27.30
C LYS A 2 -7.79 18.52 26.15
N GLU A 3 -8.99 18.47 25.58
CA GLU A 3 -9.39 19.40 24.53
C GLU A 3 -10.65 20.12 24.97
N SER A 4 -10.54 21.44 25.14
CA SER A 4 -11.65 22.27 25.58
C SER A 4 -11.96 23.31 24.51
N TYR A 5 -13.24 23.55 24.29
CA TYR A 5 -13.70 24.47 23.25
C TYR A 5 -14.09 25.80 23.87
N LEU A 6 -13.82 26.87 23.14
CA LEU A 6 -14.05 28.24 23.58
C LEU A 6 -15.26 28.78 22.84
N GLU A 7 -16.37 28.96 23.57
CA GLU A 7 -17.58 29.51 22.96
C GLU A 7 -17.29 30.83 22.25
N GLU A 8 -16.54 31.70 22.92
CA GLU A 8 -16.02 32.90 22.29
C GLU A 8 -14.87 32.53 21.36
N SER A 9 -14.77 33.24 20.23
CA SER A 9 -13.72 33.07 19.23
C SER A 9 -13.91 31.83 18.36
N CYS A 10 -14.69 30.87 18.83
CA CYS A 10 -14.93 29.61 18.12
C CYS A 10 -13.61 28.94 17.74
N SER A 11 -12.81 28.67 18.77
CA SER A 11 -11.55 27.97 18.63
C SER A 11 -11.54 26.78 19.58
N THR A 12 -10.44 26.04 19.55
CA THR A 12 -10.24 24.89 20.43
C THR A 12 -8.85 24.99 21.03
N ILE A 13 -8.60 24.22 22.09
CA ILE A 13 -7.26 24.12 22.66
C ILE A 13 -7.06 22.72 23.18
N THR A 14 -6.16 21.97 22.54
CA THR A 14 -5.82 20.61 22.96
C THR A 14 -4.50 20.66 23.71
N GLU A 15 -4.57 20.47 25.03
CA GLU A 15 -3.41 20.52 25.90
C GLU A 15 -3.04 19.11 26.36
N GLY A 16 -1.82 18.98 26.86
CA GLY A 16 -1.28 17.70 27.29
C GLY A 16 -0.29 17.07 26.35
N TYR A 17 0.19 17.80 25.34
CA TYR A 17 1.17 17.27 24.42
C TYR A 17 2.58 17.42 25.00
N LEU A 18 3.52 16.64 24.46
CA LEU A 18 4.89 16.61 24.95
C LEU A 18 5.85 16.82 23.79
N SER A 19 6.78 17.75 23.96
CA SER A 19 7.58 18.18 22.82
C SER A 19 8.67 17.19 22.48
N VAL A 20 9.10 17.25 21.22
CA VAL A 20 10.35 16.66 20.73
C VAL A 20 10.95 17.68 19.79
N LEU A 21 11.79 18.57 20.30
CA LEU A 21 12.24 19.75 19.57
C LEU A 21 13.57 19.48 18.88
N ARG A 22 13.61 19.66 17.55
CA ARG A 22 14.84 19.49 16.79
C ARG A 22 15.70 20.75 16.98
N THR A 23 16.74 20.64 17.80
CA THR A 23 17.56 21.80 18.16
C THR A 23 18.87 21.87 17.41
N GLY A 24 19.25 20.84 16.65
CA GLY A 24 20.51 20.85 15.96
C GLY A 24 20.55 19.75 14.92
N TRP A 25 21.65 19.73 14.16
CA TRP A 25 21.89 18.73 13.13
C TRP A 25 23.20 18.04 13.43
N TYR A 26 23.17 16.71 13.51
CA TYR A 26 24.39 15.93 13.57
C TYR A 26 24.77 15.48 12.17
N THR A 27 26.06 15.55 11.86
CA THR A 27 26.56 15.25 10.52
C THR A 27 27.29 13.92 10.54
N ASN A 28 26.86 13.00 9.68
CA ASN A 28 27.47 11.69 9.55
C ASN A 28 27.93 11.52 8.11
N VAL A 29 29.24 11.47 7.90
CA VAL A 29 29.84 11.33 6.58
C VAL A 29 30.12 9.86 6.33
N PHE A 30 29.72 9.38 5.15
CA PHE A 30 29.85 7.97 4.82
C PHE A 30 30.82 7.79 3.67
N THR A 31 31.60 6.72 3.73
CA THR A 31 32.47 6.30 2.65
C THR A 31 32.00 4.92 2.20
N LEU A 32 31.38 4.86 1.02
CA LEU A 32 30.91 3.60 0.44
C LEU A 32 32.00 3.12 -0.52
N GLU A 33 32.84 2.22 -0.02
CA GLU A 33 33.99 1.76 -0.79
C GLU A 33 33.55 0.71 -1.79
N VAL A 34 33.92 0.94 -3.06
CA VAL A 34 33.44 0.13 -4.17
C VAL A 34 34.50 -0.86 -4.68
N GLY A 35 35.77 -0.49 -4.68
CA GLY A 35 36.83 -1.44 -4.91
C GLY A 35 37.50 -1.42 -6.27
N ASP A 36 37.64 -0.25 -6.90
CA ASP A 36 38.31 -0.10 -8.19
C ASP A 36 37.76 -1.09 -9.23
N VAL A 37 36.50 -0.84 -9.59
CA VAL A 37 35.82 -1.71 -10.54
C VAL A 37 36.31 -1.47 -11.96
N GLU A 38 36.49 -0.21 -12.34
CA GLU A 38 36.81 0.14 -13.72
C GLU A 38 38.18 -0.36 -14.18
N ASN A 39 39.02 -0.84 -13.26
CA ASN A 39 40.25 -1.51 -13.68
C ASN A 39 40.01 -2.95 -14.10
N LEU A 40 38.81 -3.49 -13.84
CA LEU A 40 38.44 -4.84 -14.25
C LEU A 40 37.67 -4.79 -15.55
N THR A 41 38.02 -5.68 -16.48
CA THR A 41 37.40 -5.72 -17.80
C THR A 41 36.73 -7.06 -18.03
N CYS A 42 35.86 -7.10 -19.05
CA CYS A 42 35.03 -8.27 -19.36
C CYS A 42 35.25 -8.64 -20.83
N THR A 43 36.28 -9.44 -21.09
CA THR A 43 36.62 -9.85 -22.45
C THR A 43 36.08 -11.22 -22.82
N ASP A 44 35.46 -11.93 -21.89
CA ASP A 44 34.92 -13.26 -22.18
C ASP A 44 33.65 -13.23 -23.01
N GLY A 45 33.06 -12.06 -23.22
CA GLY A 45 31.80 -11.94 -23.91
C GLY A 45 30.66 -11.72 -22.93
N PRO A 46 29.43 -12.02 -23.36
CA PRO A 46 28.29 -11.88 -22.45
C PRO A 46 28.31 -12.93 -21.35
N SER A 47 28.21 -12.46 -20.11
CA SER A 47 28.26 -13.30 -18.92
C SER A 47 27.43 -12.61 -17.84
N LEU A 48 27.05 -13.38 -16.81
CA LEU A 48 26.25 -12.81 -15.74
C LEU A 48 27.06 -11.82 -14.92
N ILE A 49 28.32 -12.16 -14.63
CA ILE A 49 29.18 -11.24 -13.88
C ILE A 49 29.42 -9.97 -14.68
N LYS A 50 29.55 -10.10 -16.01
CA LYS A 50 29.70 -8.92 -16.85
C LYS A 50 28.47 -8.02 -16.80
N THR A 51 27.26 -8.58 -16.68
CA THR A 51 26.08 -7.72 -16.48
C THR A 51 26.18 -6.97 -15.16
N GLU A 52 26.60 -7.66 -14.10
CA GLU A 52 26.65 -7.02 -12.79
C GLU A 52 27.79 -6.01 -12.72
N LEU A 53 28.89 -6.26 -13.42
CA LEU A 53 30.00 -5.32 -13.41
C LEU A 53 29.65 -4.05 -14.16
N ASP A 54 28.96 -4.18 -15.30
CA ASP A 54 28.53 -2.99 -16.03
C ASP A 54 27.52 -2.18 -15.23
N LEU A 55 26.65 -2.86 -14.47
CA LEU A 55 25.69 -2.18 -13.62
C LEU A 55 26.39 -1.29 -12.60
N THR A 56 27.44 -1.82 -11.96
CA THR A 56 28.17 -1.04 -10.97
C THR A 56 28.96 0.09 -11.62
N LYS A 57 29.61 -0.18 -12.76
CA LYS A 57 30.35 0.88 -13.45
C LYS A 57 29.41 1.92 -14.03
N SER A 58 28.25 1.50 -14.55
CA SER A 58 27.28 2.48 -15.02
C SER A 58 26.72 3.29 -13.87
N ALA A 59 26.71 2.72 -12.65
CA ALA A 59 26.11 3.39 -11.51
C ALA A 59 26.96 4.56 -11.03
N LEU A 60 28.27 4.35 -10.90
CA LEU A 60 29.12 5.45 -10.45
C LEU A 60 29.34 6.47 -11.57
N ARG A 61 29.34 6.03 -12.84
CA ARG A 61 29.37 6.99 -13.93
C ARG A 61 28.20 7.95 -13.85
N GLU A 62 27.00 7.42 -13.58
CA GLU A 62 25.84 8.28 -13.39
C GLU A 62 25.91 9.05 -12.09
N LEU A 63 26.55 8.50 -11.06
CA LEU A 63 26.69 9.25 -9.83
C LEU A 63 27.68 10.41 -10.01
N LYS A 64 28.80 10.16 -10.70
CA LYS A 64 29.68 11.26 -11.08
C LYS A 64 28.94 12.34 -11.85
N THR A 65 27.89 11.96 -12.58
CA THR A 65 27.09 12.93 -13.32
C THR A 65 26.24 13.79 -12.38
N VAL A 66 25.53 13.15 -11.44
CA VAL A 66 24.56 13.88 -10.61
C VAL A 66 25.28 14.88 -9.70
N SER A 67 26.48 14.54 -9.24
CA SER A 67 27.28 15.53 -8.51
C SER A 67 27.66 16.67 -9.44
N ALA A 68 28.09 16.34 -10.66
CA ALA A 68 28.46 17.38 -11.62
C ALA A 68 27.28 18.26 -11.99
N ASP A 69 26.06 17.72 -11.96
CA ASP A 69 24.89 18.50 -12.37
C ASP A 69 24.53 19.53 -11.30
N GLN A 70 24.74 19.20 -10.03
CA GLN A 70 24.31 20.09 -8.96
C GLN A 70 25.43 20.95 -8.39
N LEU A 71 26.70 20.67 -8.74
CA LEU A 71 27.73 21.68 -8.49
C LEU A 71 27.48 22.90 -9.37
N ALA A 72 27.02 22.67 -10.60
CA ALA A 72 26.63 23.74 -11.52
C ALA A 72 25.35 24.43 -11.08
N ARG A 73 24.71 23.96 -10.01
CA ARG A 73 23.59 24.65 -9.41
C ARG A 73 24.02 25.78 -8.48
N GLU A 74 25.30 26.15 -8.50
CA GLU A 74 25.83 27.22 -7.65
C GLU A 74 25.82 28.52 -8.46
N GLU A 75 24.99 29.47 -8.04
CA GLU A 75 24.91 30.78 -8.66
C GLU A 75 25.31 31.91 -7.72
N GLN A 76 24.90 31.85 -6.45
CA GLN A 76 25.24 32.85 -5.44
C GLN A 76 24.85 34.26 -5.87
N ALA A 98 14.82 24.89 4.24
CA ALA A 98 15.56 26.02 4.80
C ALA A 98 16.79 25.53 5.57
N ALA A 99 16.63 24.38 6.23
CA ALA A 99 17.76 23.78 6.94
C ALA A 99 18.73 23.07 6.00
N VAL A 100 18.28 22.71 4.79
CA VAL A 100 19.19 22.10 3.81
C VAL A 100 20.11 23.16 3.20
N THR A 101 19.58 24.36 2.93
CA THR A 101 20.43 25.43 2.40
C THR A 101 21.61 25.70 3.31
N ALA A 102 21.42 25.57 4.63
CA ALA A 102 22.54 25.60 5.55
C ALA A 102 23.33 24.30 5.55
N GLY A 103 22.75 23.23 5.00
CA GLY A 103 23.40 21.93 4.96
C GLY A 103 24.33 21.73 3.78
N ILE A 104 24.04 22.37 2.63
CA ILE A 104 25.00 22.29 1.53
C ILE A 104 26.23 23.13 1.85
N ALA A 105 26.08 24.19 2.64
CA ALA A 105 27.24 24.93 3.13
C ALA A 105 28.18 24.01 3.90
N ILE A 106 27.62 23.08 4.68
CA ILE A 106 28.44 22.05 5.29
C ILE A 106 29.08 21.17 4.23
N ALA A 107 28.27 20.71 3.26
CA ALA A 107 28.78 19.90 2.15
C ALA A 107 29.87 20.63 1.35
N LYS A 108 29.87 21.96 1.35
CA LYS A 108 30.92 22.70 0.66
C LYS A 108 32.30 22.36 1.23
N THR A 109 32.42 22.35 2.56
CA THR A 109 33.72 22.20 3.19
C THR A 109 34.23 20.77 3.15
N ILE A 110 33.33 19.78 3.09
CA ILE A 110 33.76 18.39 3.09
C ILE A 110 34.10 17.89 1.68
N ARG A 111 33.69 18.61 0.63
CA ARG A 111 33.96 18.16 -0.73
C ARG A 111 35.43 18.25 -1.13
N LEU A 112 36.25 19.00 -0.40
CA LEU A 112 37.65 19.16 -0.78
C LEU A 112 38.40 17.84 -0.67
N GLU A 113 39.46 17.71 -1.48
CA GLU A 113 40.28 16.50 -1.44
C GLU A 113 41.01 16.35 -0.11
N SER A 114 41.30 17.47 0.55
CA SER A 114 41.94 17.42 1.87
C SER A 114 41.06 16.71 2.88
N GLU A 115 39.83 17.18 3.06
CA GLU A 115 38.93 16.61 4.05
C GLU A 115 38.62 15.15 3.74
N VAL A 116 38.35 14.84 2.47
CA VAL A 116 38.09 13.46 2.08
C VAL A 116 39.25 12.57 2.49
N ASN A 117 40.47 13.00 2.20
CA ASN A 117 41.64 12.20 2.56
C ASN A 117 41.82 12.12 4.07
N ALA A 118 41.65 13.25 4.77
CA ALA A 118 41.72 13.23 6.23
C ALA A 118 40.62 12.35 6.81
N ILE A 119 39.46 12.29 6.15
CA ILE A 119 38.38 11.42 6.59
C ILE A 119 38.74 9.96 6.30
N LYS A 120 39.11 9.66 5.05
CA LYS A 120 39.52 8.29 4.74
C LYS A 120 40.70 7.84 5.58
N GLY A 121 41.64 8.75 5.88
CA GLY A 121 42.74 8.38 6.73
C GLY A 121 42.31 8.08 8.15
N ALA A 122 41.32 8.82 8.65
CA ALA A 122 40.80 8.57 9.99
C ALA A 122 40.14 7.20 10.08
N LEU A 123 39.60 6.70 8.97
CA LEU A 123 38.88 5.43 8.93
C LEU A 123 39.72 4.28 8.44
N LYS A 124 41.01 4.51 8.16
CA LYS A 124 41.90 3.41 7.79
C LYS A 124 41.93 2.35 8.89
N THR A 125 42.10 2.79 10.13
CA THR A 125 42.22 1.85 11.25
C THR A 125 40.86 1.26 11.62
N THR A 126 39.90 2.10 11.97
CA THR A 126 38.61 1.66 12.46
C THR A 126 37.50 1.99 11.47
N ASN A 127 36.43 1.20 11.51
CA ASN A 127 35.30 1.37 10.62
C ASN A 127 34.47 2.62 10.92
N GLU A 128 34.71 3.27 12.06
CA GLU A 128 33.96 4.47 12.42
C GLU A 128 34.77 5.27 13.44
N ALA A 129 34.84 6.58 13.23
CA ALA A 129 35.57 7.47 14.14
C ALA A 129 35.12 8.89 13.89
N VAL A 130 35.33 9.73 14.90
CA VAL A 130 35.02 11.15 14.78
C VAL A 130 36.20 11.85 14.12
N SER A 131 35.93 12.57 13.04
CA SER A 131 36.94 13.33 12.32
C SER A 131 36.69 14.82 12.54
N THR A 132 37.74 15.53 12.97
CA THR A 132 37.63 16.97 13.23
C THR A 132 37.93 17.71 11.93
N LEU A 133 36.93 18.38 11.40
CA LEU A 133 37.09 19.14 10.16
C LEU A 133 37.94 20.38 10.39
N GLY A 134 38.71 20.74 9.35
CA GLY A 134 39.50 21.95 9.41
C GLY A 134 38.69 23.21 9.65
N ASN A 135 37.41 23.20 9.27
CA ASN A 135 36.49 24.32 9.49
C ASN A 135 36.06 24.48 10.94
N GLY A 136 36.73 23.85 11.91
CA GLY A 136 36.37 23.97 13.31
C GLY A 136 35.19 23.14 13.76
N VAL A 137 34.65 22.28 12.90
CA VAL A 137 33.52 21.43 13.26
C VAL A 137 33.96 19.97 13.27
N ARG A 138 33.15 19.14 13.93
CA ARG A 138 33.41 17.71 14.04
C ARG A 138 32.22 16.95 13.49
N VAL A 139 32.50 16.02 12.56
CA VAL A 139 31.49 15.17 11.97
C VAL A 139 31.84 13.72 12.28
N LEU A 140 30.83 12.85 12.24
CA LEU A 140 31.04 11.43 12.40
C LEU A 140 31.37 10.81 11.05
N ALA A 141 32.40 9.98 11.00
CA ALA A 141 32.81 9.29 9.79
C ALA A 141 32.50 7.80 9.93
N THR A 142 31.83 7.24 8.93
CA THR A 142 31.47 5.83 8.93
C THR A 142 31.93 5.19 7.63
N ALA A 143 32.41 3.95 7.71
CA ALA A 143 32.92 3.22 6.57
C ALA A 143 32.05 1.99 6.31
N VAL A 144 31.49 1.91 5.10
CA VAL A 144 30.79 0.69 4.69
C VAL A 144 31.65 -0.02 3.65
N ARG A 145 32.45 -0.99 4.11
CA ARG A 145 33.48 -1.58 3.27
C ARG A 145 33.01 -2.83 2.53
N GLU A 146 31.85 -3.37 2.86
CA GLU A 146 31.47 -4.72 2.41
C GLU A 146 31.58 -4.89 0.90
N LEU A 147 31.32 -3.85 0.13
CA LEU A 147 31.40 -3.96 -1.32
C LEU A 147 32.85 -4.08 -1.77
N LYS A 148 33.70 -3.16 -1.33
CA LYS A 148 35.11 -3.20 -1.71
C LYS A 148 35.77 -4.48 -1.22
N GLU A 149 35.40 -4.95 -0.03
CA GLU A 149 35.99 -6.18 0.50
C GLU A 149 35.69 -7.36 -0.41
N PHE A 150 34.48 -7.41 -0.99
CA PHE A 150 34.15 -8.49 -1.91
C PHE A 150 34.81 -8.28 -3.26
N VAL A 151 34.81 -7.03 -3.76
CA VAL A 151 35.38 -6.75 -5.08
C VAL A 151 36.86 -7.08 -5.12
N SER A 152 37.58 -6.88 -4.01
CA SER A 152 39.03 -7.10 -3.97
C SER A 152 39.39 -8.53 -3.57
N LYS A 153 38.90 -9.00 -2.41
CA LYS A 153 39.32 -10.30 -1.90
C LYS A 153 38.74 -11.44 -2.72
N ASN A 154 37.42 -11.43 -2.95
CA ASN A 154 36.73 -12.53 -3.63
C ASN A 154 36.54 -12.30 -5.13
N LEU A 155 36.18 -11.09 -5.55
CA LEU A 155 35.88 -10.88 -6.97
C LEU A 155 37.14 -10.87 -7.84
N THR A 156 37.95 -9.81 -7.76
CA THR A 156 39.08 -9.59 -8.68
C THR A 156 40.11 -10.72 -8.68
N SER A 157 39.93 -11.73 -7.83
CA SER A 157 40.88 -12.83 -7.79
C SER A 157 40.65 -13.82 -8.93
N ALA A 158 39.39 -14.25 -9.13
CA ALA A 158 39.07 -15.24 -10.15
C ALA A 158 38.84 -14.63 -11.52
N ILE A 159 38.32 -13.41 -11.57
CA ILE A 159 38.14 -12.71 -12.84
C ILE A 159 39.45 -12.09 -13.34
N ASN A 160 40.53 -12.17 -12.54
CA ASN A 160 41.83 -11.64 -12.96
C ASN A 160 42.28 -12.13 -14.34
N LYS A 161 41.71 -13.22 -14.84
CA LYS A 161 41.97 -13.71 -16.19
C LYS A 161 41.43 -12.79 -17.28
N ASN A 162 40.70 -11.73 -16.91
CA ASN A 162 39.96 -10.87 -17.83
C ASN A 162 38.84 -11.60 -18.56
N LYS A 163 38.46 -12.79 -18.07
CA LYS A 163 37.34 -13.56 -18.63
C LYS A 163 36.30 -13.75 -17.54
N CYS A 164 35.08 -13.25 -17.78
CA CYS A 164 34.05 -13.20 -16.76
C CYS A 164 33.12 -14.41 -16.74
N ASP A 165 33.08 -15.21 -17.80
CA ASP A 165 32.22 -16.40 -17.84
C ASP A 165 32.75 -17.48 -16.91
N ILE A 166 32.95 -17.08 -15.64
CA ILE A 166 33.54 -17.98 -14.65
C ILE A 166 32.56 -19.11 -14.30
N ALA A 167 33.12 -20.19 -13.76
CA ALA A 167 32.30 -21.35 -13.42
C ALA A 167 31.49 -21.10 -12.16
N ASP A 168 32.07 -20.42 -11.17
CA ASP A 168 31.39 -20.14 -9.91
C ASP A 168 30.25 -19.15 -10.11
N LEU A 169 29.06 -19.66 -10.44
CA LEU A 169 27.88 -18.82 -10.48
C LEU A 169 27.56 -18.23 -9.11
N LYS A 170 28.04 -18.86 -8.04
CA LYS A 170 27.85 -18.32 -6.70
C LYS A 170 28.46 -16.94 -6.55
N MET A 171 29.50 -16.62 -7.34
CA MET A 171 30.13 -15.30 -7.24
C MET A 171 29.24 -14.22 -7.82
N ALA A 172 28.57 -14.51 -8.94
CA ALA A 172 27.71 -13.52 -9.57
C ALA A 172 26.51 -13.18 -8.67
N VAL A 173 26.01 -14.16 -7.92
CA VAL A 173 24.89 -13.89 -7.03
C VAL A 173 25.35 -13.18 -5.78
N SER A 174 26.60 -13.39 -5.37
CA SER A 174 27.14 -12.61 -4.26
C SER A 174 27.37 -11.18 -4.69
N PHE A 175 27.81 -10.97 -5.93
CA PHE A 175 27.97 -9.63 -6.46
C PHE A 175 26.66 -8.86 -6.41
N SER A 176 25.55 -9.51 -6.78
CA SER A 176 24.24 -8.87 -6.77
C SER A 176 23.81 -8.49 -5.37
N GLN A 177 24.18 -9.32 -4.38
CA GLN A 177 23.76 -9.07 -3.00
C GLN A 177 24.58 -7.96 -2.35
N PHE A 178 25.88 -7.91 -2.64
CA PHE A 178 26.75 -6.93 -1.98
C PHE A 178 26.62 -5.54 -2.60
N ASN A 179 26.33 -5.45 -3.89
CA ASN A 179 26.25 -4.15 -4.55
C ASN A 179 24.86 -3.53 -4.51
N ARG A 180 23.88 -4.22 -3.91
CA ARG A 180 22.51 -3.73 -3.93
C ARG A 180 22.38 -2.42 -3.14
N ARG A 181 23.01 -2.35 -1.97
CA ARG A 181 22.99 -1.11 -1.19
C ARG A 181 23.58 0.04 -1.99
N PHE A 182 24.67 -0.22 -2.72
CA PHE A 182 25.29 0.84 -3.51
C PHE A 182 24.40 1.26 -4.67
N LEU A 183 23.87 0.27 -5.41
CA LEU A 183 22.98 0.56 -6.53
C LEU A 183 21.78 1.39 -6.08
N ASN A 184 21.22 1.07 -4.91
CA ASN A 184 20.06 1.80 -4.42
C ASN A 184 20.43 3.24 -4.02
N VAL A 185 21.63 3.45 -3.49
CA VAL A 185 22.05 4.79 -3.12
C VAL A 185 22.21 5.65 -4.37
N VAL A 186 22.79 5.09 -5.43
CA VAL A 186 22.88 5.82 -6.70
C VAL A 186 21.48 6.19 -7.18
N ARG A 187 20.56 5.21 -7.23
CA ARG A 187 19.18 5.49 -7.61
C ARG A 187 18.57 6.57 -6.72
N GLN A 188 18.88 6.52 -5.42
CA GLN A 188 18.36 7.51 -4.48
C GLN A 188 18.86 8.91 -4.83
N PHE A 189 20.17 9.05 -5.05
CA PHE A 189 20.73 10.35 -5.34
C PHE A 189 20.47 10.78 -6.78
N SER A 190 20.32 9.83 -7.70
CA SER A 190 20.07 10.20 -9.09
C SER A 190 18.68 10.81 -9.25
N ASP A 191 17.67 10.25 -8.58
CA ASP A 191 16.30 10.72 -8.75
C ASP A 191 16.12 12.10 -8.12
N ASN A 192 16.68 12.32 -6.93
CA ASN A 192 16.56 13.58 -6.20
C ASN A 192 17.70 14.54 -6.50
N ALA A 193 18.62 14.18 -7.40
CA ALA A 193 19.66 15.08 -7.89
C ALA A 193 20.57 15.57 -6.76
N GLY A 194 21.07 14.62 -5.98
CA GLY A 194 22.11 14.88 -5.02
C GLY A 194 21.67 15.05 -3.58
N ILE A 195 20.43 15.48 -3.34
CA ILE A 195 19.94 15.69 -1.98
C ILE A 195 18.63 14.95 -1.81
N THR A 196 18.66 13.89 -1.02
CA THR A 196 17.46 13.13 -0.70
C THR A 196 16.59 13.91 0.29
N PRO A 197 15.27 13.70 0.26
CA PRO A 197 14.40 14.36 1.25
C PRO A 197 14.38 13.64 2.60
N ALA A 198 15.01 12.46 2.71
CA ALA A 198 14.97 11.71 3.95
C ALA A 198 16.12 10.71 3.97
N ILE A 199 16.41 10.22 5.16
CA ILE A 199 17.40 9.17 5.37
C ILE A 199 16.73 7.83 5.12
N SER A 200 17.17 7.13 4.09
CA SER A 200 16.58 5.83 3.78
C SER A 200 17.41 4.70 4.39
N LEU A 201 16.91 3.48 4.19
CA LEU A 201 17.60 2.31 4.72
C LEU A 201 18.95 2.09 4.06
N ASP A 202 19.11 2.54 2.82
CA ASP A 202 20.39 2.37 2.14
C ASP A 202 21.32 3.58 2.33
N LEU A 203 20.79 4.74 2.71
CA LEU A 203 21.66 5.82 3.19
C LEU A 203 22.32 5.42 4.50
N MET A 204 21.51 5.02 5.48
CA MET A 204 22.02 4.45 6.72
C MET A 204 21.12 3.29 7.13
N THR A 205 21.74 2.20 7.59
CA THR A 205 20.97 1.09 8.12
C THR A 205 20.37 1.48 9.46
N ASP A 206 19.60 0.55 10.04
CA ASP A 206 19.11 0.76 11.40
C ASP A 206 20.27 0.88 12.38
N ALA A 207 21.27 0.00 12.27
CA ALA A 207 22.39 0.04 13.20
C ALA A 207 23.19 1.31 13.04
N GLU A 208 23.48 1.71 11.79
CA GLU A 208 24.22 2.94 11.56
C GLU A 208 23.47 4.14 12.11
N LEU A 209 22.14 4.15 11.98
CA LEU A 209 21.36 5.20 12.60
C LEU A 209 21.53 5.20 14.12
N ALA A 210 21.51 4.01 14.71
CA ALA A 210 21.61 3.90 16.17
C ALA A 210 22.91 4.51 16.68
N ARG A 211 24.04 4.23 16.01
CA ARG A 211 25.30 4.77 16.48
C ARG A 211 25.34 6.28 16.34
N ALA A 212 24.72 6.83 15.29
CA ALA A 212 24.81 8.26 15.04
C ALA A 212 24.03 9.06 16.07
N VAL A 213 22.76 8.68 16.33
CA VAL A 213 21.95 9.37 17.32
C VAL A 213 22.61 9.29 18.69
N SER A 214 23.29 8.19 18.98
CA SER A 214 23.99 8.06 20.25
C SER A 214 25.06 9.13 20.38
N TYR A 215 25.87 9.28 19.34
CA TYR A 215 26.98 10.22 19.29
C TYR A 215 26.54 11.68 19.42
N MET A 216 25.23 11.92 19.46
CA MET A 216 24.73 13.28 19.50
C MET A 216 24.99 13.91 20.88
N PRO A 217 25.05 15.23 20.93
CA PRO A 217 25.37 15.89 22.21
C PRO A 217 24.12 16.20 23.03
N THR A 218 23.57 15.17 23.66
CA THR A 218 22.43 15.36 24.55
C THR A 218 22.33 14.16 25.49
N SER A 219 21.40 14.26 26.44
CA SER A 219 21.36 13.33 27.55
C SER A 219 20.61 12.05 27.19
N ALA A 220 20.51 11.14 28.17
CA ALA A 220 19.98 9.81 27.92
C ALA A 220 18.52 9.84 27.51
N GLY A 221 17.74 10.74 28.12
CA GLY A 221 16.32 10.82 27.80
C GLY A 221 16.08 11.15 26.35
N GLN A 222 16.83 12.12 25.81
CA GLN A 222 16.69 12.49 24.41
C GLN A 222 17.18 11.37 23.49
N ILE A 223 18.26 10.70 23.86
CA ILE A 223 18.71 9.55 23.07
C ILE A 223 17.67 8.45 23.09
N LYS A 224 17.05 8.21 24.26
CA LYS A 224 16.08 7.14 24.37
C LYS A 224 14.88 7.39 23.46
N LEU A 225 14.39 8.64 23.42
CA LEU A 225 13.20 8.94 22.62
C LEU A 225 13.50 8.83 21.14
N MET A 226 14.63 9.37 20.69
CA MET A 226 14.98 9.30 19.28
C MET A 226 15.19 7.86 18.83
N LEU A 227 15.78 7.03 19.70
CA LEU A 227 15.93 5.61 19.39
C LEU A 227 14.60 4.88 19.36
N GLU A 228 13.59 5.37 20.08
CA GLU A 228 12.26 4.80 20.01
C GLU A 228 11.45 5.35 18.85
N ASN A 229 11.92 6.42 18.21
CA ASN A 229 11.22 7.10 17.12
C ASN A 229 12.16 7.30 15.95
N ARG A 230 12.85 6.24 15.51
CA ARG A 230 13.77 6.37 14.40
C ARG A 230 13.08 6.86 13.14
N ALA A 231 11.78 6.59 13.00
CA ALA A 231 11.06 7.01 11.80
C ALA A 231 10.96 8.52 11.70
N MET A 232 10.93 9.22 12.83
CA MET A 232 10.99 10.68 12.78
C MET A 232 12.40 11.18 12.51
N VAL A 233 13.42 10.44 12.99
CA VAL A 233 14.79 10.81 12.69
C VAL A 233 15.03 10.72 11.19
N ARG A 234 14.56 9.63 10.57
CA ARG A 234 14.71 9.48 9.13
C ARG A 234 13.87 10.49 8.36
N ARG A 235 12.72 10.86 8.91
CA ARG A 235 11.81 11.76 8.22
C ARG A 235 12.40 13.15 8.08
N LYS A 236 12.82 13.74 9.21
CA LYS A 236 13.33 15.11 9.21
C LYS A 236 14.81 15.19 8.84
N GLY A 237 15.53 14.07 8.89
CA GLY A 237 16.90 14.07 8.42
C GLY A 237 16.96 13.93 6.90
N PHE A 238 18.11 14.31 6.34
CA PHE A 238 18.30 14.26 4.91
C PHE A 238 19.75 13.93 4.62
N GLY A 239 20.09 13.89 3.34
CA GLY A 239 21.42 13.49 2.92
C GLY A 239 21.85 14.24 1.69
N ILE A 240 23.14 14.57 1.63
CA ILE A 240 23.73 15.27 0.50
C ILE A 240 24.88 14.43 -0.02
N LEU A 241 25.05 14.44 -1.33
CA LEU A 241 26.08 13.64 -1.97
C LEU A 241 27.35 14.46 -2.14
N ILE A 242 28.48 13.87 -1.72
CA ILE A 242 29.76 14.57 -1.86
C ILE A 242 30.36 14.32 -3.24
N GLY A 243 30.65 13.07 -3.55
CA GLY A 243 31.16 12.71 -4.87
C GLY A 243 31.97 11.44 -4.79
N VAL A 244 32.43 11.00 -5.96
CA VAL A 244 33.26 9.80 -6.08
C VAL A 244 34.73 10.21 -6.03
N TYR A 245 35.51 9.52 -5.22
CA TYR A 245 36.94 9.75 -5.07
C TYR A 245 37.62 8.40 -5.24
N GLY A 246 37.88 8.05 -6.50
CA GLY A 246 38.41 6.74 -6.81
C GLY A 246 37.32 5.69 -6.69
N SER A 247 37.42 4.85 -5.67
CA SER A 247 36.35 3.91 -5.37
C SER A 247 35.76 4.19 -4.00
N SER A 248 35.23 5.39 -3.82
CA SER A 248 34.76 5.83 -2.52
C SER A 248 33.60 6.80 -2.76
N VAL A 249 32.38 6.29 -2.60
CA VAL A 249 31.21 7.16 -2.65
C VAL A 249 31.13 7.89 -1.32
N ILE A 250 31.34 9.20 -1.35
CA ILE A 250 31.27 10.03 -0.15
C ILE A 250 29.94 10.76 -0.16
N TYR A 251 29.24 10.72 0.97
CA TYR A 251 28.00 11.46 1.13
C TYR A 251 27.79 11.73 2.61
N MET A 252 27.11 12.83 2.90
CA MET A 252 26.84 13.23 4.27
C MET A 252 25.35 13.16 4.55
N VAL A 253 25.00 12.75 5.77
CA VAL A 253 23.63 12.63 6.22
C VAL A 253 23.45 13.55 7.42
N GLN A 254 22.51 14.48 7.32
CA GLN A 254 22.22 15.41 8.41
C GLN A 254 21.12 14.82 9.27
N LEU A 255 21.47 14.38 10.48
CA LEU A 255 20.46 13.83 11.38
C LEU A 255 19.93 14.91 12.32
N PRO A 256 18.63 14.93 12.60
CA PRO A 256 18.09 15.91 13.54
C PRO A 256 18.51 15.58 14.97
N ILE A 257 18.85 16.61 15.73
CA ILE A 257 19.17 16.48 17.15
C ILE A 257 18.01 17.04 17.95
N PHE A 258 17.24 16.14 18.57
CA PHE A 258 16.10 16.52 19.41
C PHE A 258 16.58 16.70 20.84
N GLY A 259 17.17 17.87 21.11
CA GLY A 259 17.83 18.12 22.37
C GLY A 259 16.94 18.56 23.52
N VAL A 260 15.67 18.85 23.25
CA VAL A 260 14.73 19.27 24.29
C VAL A 260 13.44 18.48 24.09
N ILE A 261 13.05 17.69 25.10
CA ILE A 261 11.89 16.82 24.99
C ILE A 261 11.03 16.96 26.23
N ASP A 262 9.79 16.48 26.10
CA ASP A 262 8.85 16.32 27.22
C ASP A 262 8.40 17.66 27.81
N THR A 263 8.45 18.74 27.03
CA THR A 263 7.92 20.02 27.48
C THR A 263 6.49 20.22 27.00
N PRO A 264 5.72 21.11 27.65
CA PRO A 264 4.29 21.23 27.31
C PRO A 264 4.07 21.86 25.94
N CYS A 265 3.12 21.29 25.21
CA CYS A 265 2.72 21.78 23.90
C CYS A 265 1.21 21.79 23.80
N TRP A 266 0.69 22.71 22.99
CA TRP A 266 -0.76 22.80 22.79
C TRP A 266 -1.04 23.37 21.41
N ILE A 267 -2.15 22.93 20.84
CA ILE A 267 -2.61 23.32 19.50
C ILE A 267 -3.96 24.01 19.66
N ILE A 268 -4.14 25.15 18.99
CA ILE A 268 -5.41 25.87 19.01
C ILE A 268 -5.86 26.11 17.57
N LYS A 269 -6.79 25.26 17.10
CA LYS A 269 -7.38 25.39 15.78
C LYS A 269 -8.77 26.03 15.88
N ALA A 270 -9.08 26.92 14.94
CA ALA A 270 -10.28 27.77 15.02
C ALA A 270 -11.08 27.76 13.73
N ALA A 271 -12.42 27.92 13.89
CA ALA A 271 -13.39 28.17 12.80
C ALA A 271 -13.88 29.62 12.85
N PRO A 272 -14.35 30.18 11.73
CA PRO A 272 -14.91 31.53 11.74
C PRO A 272 -16.18 31.57 12.58
N SER A 273 -16.17 32.39 13.63
CA SER A 273 -17.39 32.77 14.32
C SER A 273 -18.02 33.95 13.59
N CYS A 274 -19.33 33.87 13.35
CA CYS A 274 -20.01 34.84 12.50
C CYS A 274 -21.22 35.44 13.21
N SER A 275 -21.41 36.74 13.04
CA SER A 275 -22.53 37.46 13.64
C SER A 275 -23.74 37.51 12.70
N CYS A 283 -18.67 38.37 12.20
CA CYS A 283 -17.76 37.56 11.39
C CYS A 283 -16.29 37.83 11.73
N LEU A 284 -15.62 36.80 12.27
CA LEU A 284 -14.20 36.83 12.59
C LEU A 284 -13.66 35.39 12.64
N LEU A 285 -12.36 35.26 12.46
CA LEU A 285 -11.65 34.01 12.67
C LEU A 285 -10.30 34.33 13.30
N ARG A 286 -9.75 33.37 14.03
CA ARG A 286 -8.53 33.58 14.80
C ARG A 286 -7.30 33.31 13.95
N GLU A 287 -6.43 34.31 13.84
CA GLU A 287 -5.26 34.20 12.97
C GLU A 287 -4.08 33.49 13.61
N ASP A 288 -3.98 33.50 14.95
CA ASP A 288 -2.91 32.80 15.65
C ASP A 288 -3.32 31.35 15.91
N GLN A 289 -3.68 30.67 14.82
CA GLN A 289 -3.89 29.24 14.81
C GLN A 289 -2.55 28.52 14.70
N GLY A 290 -2.46 27.34 15.30
CA GLY A 290 -1.31 26.49 15.11
C GLY A 290 -0.72 25.99 16.42
N TRP A 291 0.49 25.43 16.31
CA TRP A 291 1.18 24.72 17.39
C TRP A 291 1.98 25.69 18.27
N TYR A 292 1.97 25.40 19.56
CA TYR A 292 2.69 26.18 20.56
C TYR A 292 3.40 25.24 21.51
N CYS A 293 4.72 25.33 21.61
CA CYS A 293 5.50 24.57 22.58
C CYS A 293 6.33 25.50 23.44
N LYS A 294 6.46 25.16 24.72
CA LYS A 294 7.33 25.91 25.61
C LYS A 294 8.74 25.33 25.57
N ASN A 295 9.74 26.20 25.51
CA ASN A 295 11.14 25.81 25.63
C ASN A 295 11.82 26.77 26.59
N ALA A 296 12.19 26.27 27.77
CA ALA A 296 12.78 27.08 28.83
C ALA A 296 11.86 28.26 29.19
N GLY A 297 10.58 27.95 29.41
CA GLY A 297 9.62 28.94 29.88
C GLY A 297 9.17 29.95 28.85
N SER A 298 9.91 30.08 27.76
CA SER A 298 9.57 31.01 26.68
C SER A 298 8.69 30.28 25.67
N THR A 299 7.44 30.73 25.56
CA THR A 299 6.51 30.11 24.60
C THR A 299 6.91 30.44 23.18
N VAL A 300 6.84 29.44 22.31
CA VAL A 300 7.23 29.59 20.91
C VAL A 300 6.08 29.09 20.03
N TYR A 301 5.88 29.74 18.88
CA TYR A 301 4.77 29.50 17.98
C TYR A 301 5.27 28.88 16.69
N TYR A 302 4.57 27.85 16.22
CA TYR A 302 4.88 27.21 14.94
C TYR A 302 3.70 27.43 13.99
N PRO A 303 3.76 28.48 13.16
CA PRO A 303 2.59 28.79 12.32
C PRO A 303 2.35 27.79 11.19
N ASN A 304 3.39 27.36 10.49
CA ASN A 304 3.21 26.47 9.35
C ASN A 304 2.96 25.04 9.81
N ASP A 305 2.31 24.28 8.92
CA ASP A 305 1.92 22.91 9.24
C ASP A 305 3.11 21.95 9.22
N LYS A 306 4.06 22.18 8.32
CA LYS A 306 5.20 21.26 8.20
C LYS A 306 6.25 21.46 9.28
N ASP A 307 6.15 22.54 10.07
CA ASP A 307 7.10 22.73 11.18
C ASP A 307 6.93 21.66 12.23
N CYS A 308 5.69 21.29 12.55
CA CYS A 308 5.40 20.31 13.57
C CYS A 308 4.76 19.06 12.97
N GLU A 309 5.02 17.93 13.61
CA GLU A 309 4.49 16.64 13.21
C GLU A 309 4.38 15.79 14.45
N THR A 310 3.32 15.01 14.57
CA THR A 310 3.00 14.32 15.81
C THR A 310 3.16 12.81 15.67
N ARG A 311 3.58 12.18 16.76
CA ARG A 311 3.62 10.73 16.91
C ARG A 311 2.94 10.40 18.24
N GLY A 312 1.68 9.97 18.18
CA GLY A 312 0.94 9.73 19.41
C GLY A 312 0.63 11.02 20.13
N ASP A 313 1.20 11.19 21.32
CA ASP A 313 1.02 12.40 22.11
C ASP A 313 2.26 13.28 22.11
N HIS A 314 3.21 13.00 21.23
CA HIS A 314 4.46 13.76 21.13
C HIS A 314 4.43 14.60 19.87
N VAL A 315 4.93 15.84 19.98
CA VAL A 315 4.94 16.79 18.88
C VAL A 315 6.39 17.06 18.51
N PHE A 316 6.74 16.73 17.28
CA PHE A 316 8.08 16.96 16.76
C PHE A 316 8.04 18.28 15.99
N CYS A 317 8.60 19.33 16.57
CA CYS A 317 8.58 20.64 15.94
C CYS A 317 9.99 21.06 15.56
N ASP A 318 10.09 21.83 14.48
CA ASP A 318 11.34 22.41 14.04
C ASP A 318 11.63 23.67 14.84
N THR A 319 12.77 23.69 15.52
CA THR A 319 13.13 24.85 16.33
C THR A 319 13.41 26.06 15.46
N ALA A 320 14.15 25.87 14.36
CA ALA A 320 14.52 26.99 13.49
C ALA A 320 13.28 27.71 12.96
N ALA A 321 12.27 26.96 12.56
CA ALA A 321 11.01 27.56 12.08
C ALA A 321 10.08 27.79 13.29
N GLY A 322 10.53 28.64 14.18
CA GLY A 322 9.78 28.94 15.39
C GLY A 322 9.84 30.43 15.71
N ILE A 323 8.74 30.92 16.27
CA ILE A 323 8.56 32.34 16.54
C ILE A 323 8.32 32.53 18.03
N ASN A 324 9.24 33.24 18.69
CA ASN A 324 9.11 33.51 20.12
C ASN A 324 7.99 34.50 20.36
N VAL A 325 6.89 34.04 20.96
CA VAL A 325 5.78 34.91 21.30
C VAL A 325 5.76 35.09 22.82
N ALA A 326 5.31 36.28 23.23
CA ALA A 326 5.15 36.54 24.65
C ALA A 326 4.05 35.66 25.25
N GLU A 327 4.22 35.34 26.53
CA GLU A 327 3.37 34.40 27.25
C GLU A 327 2.00 34.99 27.56
N GLN A 328 1.86 36.31 27.42
CA GLN A 328 0.56 36.98 27.47
C GLN A 328 -0.36 36.55 26.35
N SER A 329 0.15 35.79 25.36
CA SER A 329 -0.66 35.28 24.28
C SER A 329 -1.69 34.24 24.74
N ARG A 330 -1.51 33.64 25.92
CA ARG A 330 -2.55 32.73 26.38
C ARG A 330 -3.78 33.44 26.89
N GLU A 331 -3.83 34.76 26.77
CA GLU A 331 -5.03 35.49 27.13
C GLU A 331 -6.12 35.36 26.07
N CYS A 332 -5.74 35.05 24.82
CA CYS A 332 -6.73 34.81 23.78
C CYS A 332 -7.61 33.59 24.08
N ASN A 333 -7.38 32.89 25.19
CA ASN A 333 -8.11 31.69 25.53
C ASN A 333 -9.01 31.86 26.75
N ILE A 334 -9.20 33.09 27.24
CA ILE A 334 -10.11 33.35 28.34
C ILE A 334 -11.09 34.46 27.94
N ASN A 335 -10.57 35.50 27.29
CA ASN A 335 -11.39 36.56 26.69
C ASN A 335 -10.51 37.43 25.79
N ILE A 336 -10.83 37.50 24.50
CA ILE A 336 -10.00 38.21 23.53
C ILE A 336 -9.97 39.71 23.79
N SER A 337 -10.98 40.25 24.48
CA SER A 337 -11.04 41.67 24.79
C SER A 337 -10.23 41.98 26.06
N THR A 338 -8.95 41.64 25.99
CA THR A 338 -8.00 41.86 27.08
C THR A 338 -6.79 42.59 26.50
N THR A 339 -6.73 43.90 26.74
CA THR A 339 -5.66 44.74 26.19
C THR A 339 -4.40 44.66 27.05
N ASN A 340 -3.92 43.42 27.21
CA ASN A 340 -2.56 43.15 27.66
C ASN A 340 -1.70 42.60 26.54
N TYR A 341 -2.31 42.13 25.45
CA TYR A 341 -1.68 41.51 24.30
C TYR A 341 -2.61 41.69 23.11
N PRO A 342 -2.09 42.13 21.95
CA PRO A 342 -2.95 42.23 20.76
C PRO A 342 -3.16 40.87 20.09
N CYS A 343 -4.27 40.20 20.39
CA CYS A 343 -4.53 38.85 19.89
C CYS A 343 -4.75 38.79 18.38
N LYS A 344 -4.77 39.95 17.70
CA LYS A 344 -4.73 40.05 16.23
C LYS A 344 -5.78 39.16 15.54
N VAL A 345 -6.98 39.08 16.12
CA VAL A 345 -8.08 38.41 15.43
C VAL A 345 -8.42 39.17 14.16
N SER A 346 -8.60 38.43 13.06
CA SER A 346 -8.89 39.01 11.75
C SER A 346 -10.38 38.93 11.43
N THR A 347 -10.84 39.85 10.59
CA THR A 347 -12.25 40.03 10.28
C THR A 347 -12.50 39.94 8.79
N GLY A 348 -13.62 39.34 8.41
CA GLY A 348 -14.03 39.27 7.02
C GLY A 348 -15.44 39.75 6.83
N ARG A 349 -15.69 40.35 5.67
CA ARG A 349 -17.01 40.92 5.40
C ARG A 349 -18.02 39.86 4.97
N HIS A 350 -17.60 38.90 4.15
CA HIS A 350 -18.50 37.85 3.67
C HIS A 350 -18.32 36.61 4.53
N PRO A 351 -19.33 36.20 5.28
CA PRO A 351 -19.18 35.00 6.13
C PRO A 351 -19.05 33.74 5.29
N ILE A 352 -18.09 32.90 5.66
CA ILE A 352 -17.79 31.65 4.96
C ILE A 352 -18.05 30.49 5.89
N SER A 353 -18.85 29.52 5.44
CA SER A 353 -19.07 28.31 6.22
C SER A 353 -17.88 27.38 6.04
N MET A 354 -17.38 26.83 7.15
CA MET A 354 -16.18 26.02 7.15
C MET A 354 -16.26 24.99 8.27
N VAL A 355 -15.34 24.02 8.21
CA VAL A 355 -15.20 22.96 9.19
C VAL A 355 -13.71 22.78 9.42
N ALA A 356 -13.21 23.20 10.57
CA ALA A 356 -11.81 22.95 10.93
C ALA A 356 -11.78 21.80 11.95
N LEU A 357 -11.28 20.65 11.52
CA LEU A 357 -11.26 19.48 12.37
C LEU A 357 -10.14 19.57 13.40
N SER A 358 -10.45 19.26 14.65
CA SER A 358 -9.48 19.22 15.73
C SER A 358 -9.15 17.77 16.11
N PRO A 359 -8.07 17.55 16.86
CA PRO A 359 -7.71 16.16 17.21
C PRO A 359 -8.80 15.39 17.95
N LEU A 360 -9.29 15.91 19.07
CA LEU A 360 -10.29 15.23 19.87
C LEU A 360 -11.72 15.60 19.46
N GLY A 361 -11.90 16.30 18.35
CA GLY A 361 -13.23 16.68 17.93
C GLY A 361 -13.31 17.43 16.62
N ALA A 362 -14.20 18.41 16.58
CA ALA A 362 -14.54 19.15 15.37
C ALA A 362 -15.28 20.42 15.76
N LEU A 363 -14.96 21.49 15.08
CA LEU A 363 -15.74 22.72 15.14
C LEU A 363 -16.29 22.96 13.74
N VAL A 364 -17.61 23.15 13.65
CA VAL A 364 -18.32 23.36 12.40
C VAL A 364 -18.89 24.77 12.41
N ALA A 365 -18.53 25.55 11.41
CA ALA A 365 -19.09 26.89 11.23
C ALA A 365 -20.00 26.84 10.02
N CYS A 366 -21.27 27.18 10.23
CA CYS A 366 -22.33 26.88 9.28
C CYS A 366 -23.20 28.13 9.17
N TYR A 367 -22.57 29.24 8.75
CA TYR A 367 -23.15 30.57 8.82
C TYR A 367 -23.78 31.04 7.51
N LYS A 368 -23.69 30.25 6.44
CA LYS A 368 -24.27 30.63 5.17
C LYS A 368 -25.71 30.14 4.99
N GLY A 369 -26.18 29.25 5.86
CA GLY A 369 -27.52 28.73 5.76
C GLY A 369 -27.62 27.51 4.86
N VAL A 370 -26.88 26.47 5.21
CA VAL A 370 -26.86 25.21 4.46
C VAL A 370 -27.31 24.12 5.43
N SER A 371 -27.51 22.89 4.95
CA SER A 371 -27.80 21.76 5.83
C SER A 371 -26.51 21.24 6.44
N CYS A 372 -26.43 21.26 7.76
CA CYS A 372 -25.25 20.86 8.51
C CYS A 372 -25.63 19.80 9.53
N SER A 373 -24.94 18.65 9.48
CA SER A 373 -25.39 17.46 10.19
C SER A 373 -24.20 16.70 10.78
N ILE A 374 -24.37 16.22 12.02
CA ILE A 374 -23.44 15.27 12.62
C ILE A 374 -23.87 13.87 12.22
N GLY A 375 -22.89 12.98 12.02
CA GLY A 375 -23.20 11.63 11.57
C GLY A 375 -22.36 10.59 12.28
N SER A 376 -22.57 9.33 11.87
CA SER A 376 -21.79 8.20 12.33
C SER A 376 -21.50 7.30 11.13
N ASN A 377 -20.78 6.21 11.38
CA ASN A 377 -20.30 5.36 10.29
C ASN A 377 -21.19 4.16 10.02
N ARG A 378 -22.13 3.84 10.92
CA ARG A 378 -23.13 2.82 10.64
C ARG A 378 -24.54 3.18 11.10
N VAL A 379 -24.73 4.29 11.80
CA VAL A 379 -26.07 4.73 12.18
C VAL A 379 -26.60 5.84 11.28
N GLY A 380 -25.73 6.65 10.67
CA GLY A 380 -26.21 7.78 9.90
C GLY A 380 -26.33 9.04 10.73
N ILE A 381 -27.14 10.00 10.28
CA ILE A 381 -27.25 11.29 10.96
C ILE A 381 -27.70 11.11 12.41
N ILE A 382 -27.10 11.87 13.31
CA ILE A 382 -27.47 11.85 14.73
C ILE A 382 -28.28 13.09 15.12
N LYS A 383 -27.94 14.25 14.54
CA LYS A 383 -28.59 15.50 14.89
C LYS A 383 -28.23 16.55 13.84
N GLN A 384 -29.18 17.45 13.57
CA GLN A 384 -28.94 18.59 12.69
C GLN A 384 -28.37 19.75 13.49
N LEU A 385 -27.39 20.47 12.88
CA LEU A 385 -26.73 21.56 13.59
C LEU A 385 -27.32 22.90 13.21
N PRO A 386 -27.26 23.90 14.10
CA PRO A 386 -27.80 25.22 13.79
C PRO A 386 -26.84 26.03 12.93
N LYS A 387 -27.26 27.26 12.64
CA LYS A 387 -26.45 28.20 11.86
C LYS A 387 -25.45 28.88 12.79
N GLY A 388 -24.17 28.55 12.65
CA GLY A 388 -23.15 29.14 13.48
C GLY A 388 -22.10 28.16 13.95
N CYS A 389 -21.52 28.41 15.12
CA CYS A 389 -20.42 27.62 15.64
C CYS A 389 -20.90 26.64 16.70
N SER A 390 -20.34 25.45 16.68
CA SER A 390 -20.71 24.39 17.62
C SER A 390 -19.62 23.33 17.61
N TYR A 391 -19.12 22.97 18.79
CA TYR A 391 -18.02 22.02 18.91
C TYR A 391 -18.56 20.62 19.18
N ILE A 392 -17.89 19.62 18.60
CA ILE A 392 -18.32 18.24 18.64
C ILE A 392 -17.12 17.38 19.03
N THR A 393 -17.37 16.28 19.74
CA THR A 393 -16.33 15.33 20.11
C THR A 393 -16.51 14.01 19.35
N ASN A 394 -15.42 13.24 19.27
CA ASN A 394 -15.49 11.91 18.66
C ASN A 394 -16.31 10.94 19.52
N GLN A 395 -16.56 11.30 20.78
CA GLN A 395 -17.32 10.42 21.66
C GLN A 395 -18.76 10.26 21.19
N ASP A 396 -19.32 11.29 20.56
CA ASP A 396 -20.69 11.26 20.05
C ASP A 396 -20.75 11.76 18.61
N ALA A 397 -19.82 11.29 17.78
CA ALA A 397 -19.77 11.64 16.37
C ALA A 397 -18.64 10.89 15.68
N ASP A 398 -18.80 10.71 14.37
CA ASP A 398 -17.75 10.18 13.52
C ASP A 398 -17.57 10.95 12.21
N THR A 399 -18.55 11.76 11.80
CA THR A 399 -18.45 12.59 10.60
C THR A 399 -19.11 13.93 10.88
N VAL A 400 -18.94 14.85 9.94
CA VAL A 400 -19.67 16.12 9.91
C VAL A 400 -19.90 16.45 8.44
N THR A 401 -21.14 16.76 8.08
CA THR A 401 -21.53 16.90 6.69
C THR A 401 -22.18 18.26 6.45
N ILE A 402 -21.70 18.96 5.43
CA ILE A 402 -22.37 20.12 4.85
C ILE A 402 -22.58 19.82 3.37
N ASP A 403 -23.78 20.13 2.86
CA ASP A 403 -24.10 19.96 1.44
C ASP A 403 -23.83 18.50 1.07
N ASN A 404 -23.03 18.22 0.03
CA ASN A 404 -22.65 16.85 -0.33
C ASN A 404 -21.25 16.48 0.17
N THR A 405 -20.51 17.42 0.77
CA THR A 405 -19.16 17.15 1.25
C THR A 405 -19.19 16.71 2.72
N VAL A 406 -18.52 15.60 3.01
CA VAL A 406 -18.46 15.02 4.34
C VAL A 406 -17.02 15.05 4.82
N TYR A 407 -16.84 15.36 6.10
CA TYR A 407 -15.51 15.47 6.71
C TYR A 407 -15.39 14.41 7.80
N GLN A 408 -14.56 13.41 7.56
CA GLN A 408 -14.40 12.29 8.48
C GLN A 408 -13.56 12.72 9.69
N LEU A 409 -14.10 12.56 10.88
CA LEU A 409 -13.41 12.97 12.09
C LEU A 409 -12.22 12.04 12.37
N SER A 410 -11.10 12.65 12.73
CA SER A 410 -9.90 11.92 13.11
C SER A 410 -8.99 12.86 13.88
N LYS A 411 -7.92 12.31 14.43
CA LYS A 411 -6.92 13.10 15.16
C LYS A 411 -5.89 13.68 14.18
N VAL A 412 -6.38 14.53 13.28
CA VAL A 412 -5.49 15.22 12.35
C VAL A 412 -5.04 16.52 12.99
N GLU A 413 -4.35 16.40 14.13
CA GLU A 413 -3.64 17.54 14.69
C GLU A 413 -2.53 18.01 13.75
N GLY A 414 -2.04 17.13 12.89
CA GLY A 414 -1.19 17.51 11.78
C GLY A 414 -2.01 18.00 10.59
N GLU A 415 -2.82 19.02 10.82
CA GLU A 415 -3.61 19.64 9.76
C GLU A 415 -3.75 21.12 10.11
N GLN A 416 -3.55 21.97 9.11
CA GLN A 416 -3.65 23.42 9.32
C GLN A 416 -4.18 24.11 8.07
N VAL B 2 13.37 -19.32 7.05
CA VAL B 2 12.93 -17.94 6.85
C VAL B 2 11.54 -17.90 6.23
N GLN B 3 10.52 -17.89 7.10
CA GLN B 3 9.15 -18.08 6.68
C GLN B 3 8.19 -17.77 7.83
N LEU B 4 6.98 -17.36 7.46
CA LEU B 4 5.84 -17.17 8.36
C LEU B 4 4.71 -18.07 7.91
N VAL B 5 3.97 -18.63 8.87
CA VAL B 5 2.89 -19.56 8.57
C VAL B 5 1.67 -19.20 9.42
N GLU B 6 0.55 -18.89 8.78
CA GLU B 6 -0.66 -18.53 9.49
C GLU B 6 -1.53 -19.76 9.75
N SER B 7 -2.33 -19.68 10.82
CA SER B 7 -3.23 -20.77 11.19
C SER B 7 -4.40 -20.21 11.99
N GLY B 8 -5.51 -20.94 11.98
CA GLY B 8 -6.68 -20.59 12.75
C GLY B 8 -7.88 -20.17 11.93
N GLY B 9 -7.76 -20.12 10.61
CA GLY B 9 -8.87 -19.69 9.79
C GLY B 9 -9.92 -20.79 9.59
N GLY B 10 -11.16 -20.35 9.42
CA GLY B 10 -12.24 -21.28 9.19
C GLY B 10 -13.54 -20.56 8.98
N VAL B 11 -14.63 -21.33 8.99
CA VAL B 11 -15.98 -20.81 8.81
C VAL B 11 -16.59 -20.58 10.19
N VAL B 12 -17.20 -19.40 10.38
CA VAL B 12 -17.87 -19.05 11.62
C VAL B 12 -19.12 -18.25 11.31
N GLN B 13 -20.03 -18.21 12.29
CA GLN B 13 -21.23 -17.40 12.22
C GLN B 13 -20.93 -15.96 12.61
N PRO B 14 -21.75 -15.00 12.16
CA PRO B 14 -21.55 -13.62 12.59
C PRO B 14 -21.67 -13.50 14.10
N GLY B 15 -20.86 -12.62 14.67
CA GLY B 15 -20.82 -12.43 16.11
C GLY B 15 -19.91 -13.38 16.86
N ARG B 16 -19.41 -14.43 16.21
CA ARG B 16 -18.54 -15.39 16.85
C ARG B 16 -17.13 -14.83 17.03
N SER B 17 -16.24 -15.68 17.53
CA SER B 17 -14.85 -15.31 17.77
C SER B 17 -13.95 -16.31 17.06
N LEU B 18 -12.71 -15.88 16.84
CA LEU B 18 -11.71 -16.72 16.17
C LEU B 18 -10.33 -16.17 16.49
N ARG B 19 -9.37 -17.07 16.68
CA ARG B 19 -7.99 -16.69 16.99
C ARG B 19 -7.07 -17.18 15.88
N LEU B 20 -6.38 -16.24 15.23
CA LEU B 20 -5.36 -16.56 14.25
C LEU B 20 -4.00 -16.50 14.92
N SER B 21 -3.16 -17.49 14.64
CA SER B 21 -1.77 -17.51 15.07
C SER B 21 -0.87 -17.55 13.86
N CYS B 22 0.33 -17.00 14.00
CA CYS B 22 1.29 -16.87 12.92
C CYS B 22 2.66 -17.32 13.43
N ALA B 23 3.15 -18.44 12.92
CA ALA B 23 4.41 -19.03 13.38
C ALA B 23 5.56 -18.45 12.56
N ALA B 24 6.54 -17.88 13.24
CA ALA B 24 7.70 -17.25 12.63
C ALA B 24 8.92 -18.13 12.81
N SER B 25 9.77 -18.19 11.78
CA SER B 25 10.96 -19.01 11.85
C SER B 25 11.99 -18.46 10.86
N GLY B 26 13.26 -18.75 11.16
CA GLY B 26 14.34 -18.36 10.28
C GLY B 26 14.87 -16.95 10.49
N PHE B 27 14.25 -16.15 11.36
CA PHE B 27 14.76 -14.82 11.64
C PHE B 27 14.48 -14.48 13.10
N THR B 28 15.10 -13.37 13.54
CA THR B 28 15.04 -12.93 14.93
C THR B 28 13.68 -12.27 15.18
N PHE B 29 12.67 -13.11 15.38
CA PHE B 29 11.28 -12.64 15.50
C PHE B 29 11.15 -11.57 16.57
N THR B 30 11.90 -11.68 17.66
CA THR B 30 11.78 -10.73 18.75
C THR B 30 12.20 -9.32 18.34
N THR B 31 12.97 -9.17 17.25
CA THR B 31 13.43 -7.84 16.85
C THR B 31 12.41 -7.10 16.00
N TYR B 32 11.56 -7.84 15.30
CA TYR B 32 10.77 -7.28 14.21
C TYR B 32 9.37 -6.89 14.67
N THR B 33 8.89 -5.75 14.16
CA THR B 33 7.50 -5.35 14.34
C THR B 33 6.63 -6.11 13.33
N MET B 34 5.55 -6.72 13.82
CA MET B 34 4.74 -7.64 13.04
C MET B 34 3.39 -7.03 12.73
N HIS B 35 2.78 -7.51 11.63
CA HIS B 35 1.54 -6.95 11.14
C HIS B 35 0.59 -8.06 10.72
N TRP B 36 -0.68 -7.70 10.60
CA TRP B 36 -1.69 -8.52 9.96
C TRP B 36 -2.26 -7.72 8.81
N VAL B 37 -2.31 -8.32 7.62
CA VAL B 37 -2.88 -7.67 6.44
C VAL B 37 -3.85 -8.65 5.81
N ARG B 38 -5.05 -8.17 5.47
CA ARG B 38 -6.12 -9.02 4.99
C ARG B 38 -6.61 -8.57 3.62
N GLN B 39 -7.19 -9.52 2.89
CA GLN B 39 -7.64 -9.30 1.52
C GLN B 39 -8.92 -10.09 1.29
N ALA B 40 -10.05 -9.37 1.15
CA ALA B 40 -11.31 -10.01 0.85
C ALA B 40 -11.24 -10.69 -0.51
N PRO B 41 -12.11 -11.64 -0.78
CA PRO B 41 -12.09 -12.32 -2.09
C PRO B 41 -12.28 -11.33 -3.23
N GLY B 42 -11.28 -11.27 -4.11
CA GLY B 42 -11.34 -10.37 -5.25
C GLY B 42 -10.83 -8.97 -4.96
N LYS B 43 -11.08 -8.49 -3.75
CA LYS B 43 -10.75 -7.12 -3.40
C LYS B 43 -9.24 -6.96 -3.24
N GLY B 44 -8.82 -5.74 -2.91
CA GLY B 44 -7.42 -5.41 -2.73
C GLY B 44 -6.96 -5.62 -1.30
N LEU B 45 -5.77 -5.11 -1.01
CA LEU B 45 -5.13 -5.35 0.28
C LEU B 45 -5.52 -4.28 1.29
N GLU B 46 -5.58 -4.70 2.55
CA GLU B 46 -6.03 -3.84 3.65
C GLU B 46 -5.25 -4.22 4.90
N TRP B 47 -4.36 -3.34 5.34
CA TRP B 47 -3.71 -3.52 6.64
C TRP B 47 -4.76 -3.44 7.75
N VAL B 48 -4.56 -4.19 8.84
CA VAL B 48 -5.47 -4.23 9.97
C VAL B 48 -4.77 -3.93 11.31
N ALA B 49 -3.61 -4.54 11.55
CA ALA B 49 -2.99 -4.35 12.86
C ALA B 49 -1.47 -4.52 12.80
N LEU B 50 -0.79 -3.83 13.73
CA LEU B 50 0.64 -3.99 13.99
C LEU B 50 0.88 -4.14 15.49
N ILE B 51 1.99 -4.78 15.83
CA ILE B 51 2.47 -4.89 17.21
C ILE B 51 3.99 -4.76 17.21
N SER B 52 4.51 -3.95 18.13
CA SER B 52 5.94 -3.65 18.18
C SER B 52 6.72 -4.89 18.63
N SER B 53 8.06 -4.77 18.57
CA SER B 53 8.93 -5.88 18.91
C SER B 53 8.72 -6.35 20.34
N ASP B 54 8.44 -5.42 21.26
CA ASP B 54 8.25 -5.74 22.67
C ASP B 54 6.79 -5.92 23.05
N GLY B 55 5.87 -5.19 22.41
CA GLY B 55 4.45 -5.31 22.67
C GLY B 55 3.81 -4.11 23.32
N ASN B 56 4.57 -3.07 23.66
CA ASN B 56 3.98 -1.91 24.32
C ASN B 56 3.06 -1.12 23.40
N ASN B 57 3.28 -1.19 22.09
CA ASN B 57 2.52 -0.39 21.13
C ASN B 57 1.84 -1.31 20.12
N LYS B 58 0.51 -1.38 20.19
CA LYS B 58 -0.31 -2.10 19.22
C LYS B 58 -1.30 -1.13 18.60
N TYR B 59 -1.48 -1.20 17.28
CA TYR B 59 -2.38 -0.29 16.59
C TYR B 59 -3.25 -1.07 15.61
N TYR B 60 -4.48 -0.59 15.42
CA TYR B 60 -5.44 -1.26 14.56
C TYR B 60 -6.14 -0.25 13.64
N ALA B 61 -6.57 -0.75 12.48
CA ALA B 61 -7.38 0.05 11.57
C ALA B 61 -8.74 0.34 12.19
N ASP B 62 -9.39 1.40 11.71
CA ASP B 62 -10.69 1.79 12.25
C ASP B 62 -11.75 0.71 12.06
N SER B 63 -11.58 -0.18 11.07
CA SER B 63 -12.61 -1.19 10.81
C SER B 63 -12.64 -2.25 11.92
N VAL B 64 -11.46 -2.77 12.28
CA VAL B 64 -11.35 -3.80 13.31
C VAL B 64 -11.14 -3.22 14.70
N LYS B 65 -11.00 -1.90 14.81
CA LYS B 65 -10.74 -1.29 16.11
C LYS B 65 -11.91 -1.59 17.05
N GLY B 66 -11.58 -2.06 18.25
CA GLY B 66 -12.57 -2.41 19.23
C GLY B 66 -12.94 -3.88 19.29
N ARG B 67 -12.71 -4.62 18.20
CA ARG B 67 -13.05 -6.04 18.14
C ARG B 67 -11.81 -6.93 18.12
N PHE B 68 -10.82 -6.58 17.33
CA PHE B 68 -9.64 -7.41 17.14
C PHE B 68 -8.56 -6.99 18.12
N THR B 69 -7.74 -7.95 18.53
CA THR B 69 -6.66 -7.70 19.47
C THR B 69 -5.43 -8.46 19.02
N ILE B 70 -4.34 -7.74 18.82
CA ILE B 70 -3.09 -8.34 18.36
C ILE B 70 -2.20 -8.57 19.56
N SER B 71 -1.49 -9.70 19.55
CA SER B 71 -0.56 -10.05 20.61
C SER B 71 0.55 -10.91 20.01
N ARG B 72 1.61 -11.11 20.79
CA ARG B 72 2.74 -11.89 20.31
C ARG B 72 3.36 -12.62 21.50
N ASP B 73 4.07 -13.71 21.20
CA ASP B 73 4.87 -14.43 22.19
C ASP B 73 6.25 -14.70 21.58
N ASN B 74 7.20 -13.82 21.88
CA ASN B 74 8.55 -13.98 21.31
C ASN B 74 9.25 -15.23 21.82
N SER B 75 8.71 -15.89 22.85
CA SER B 75 9.32 -17.13 23.33
C SER B 75 9.04 -18.29 22.39
N LYS B 76 7.83 -18.36 21.85
CA LYS B 76 7.44 -19.40 20.91
C LYS B 76 7.46 -18.93 19.45
N ASN B 77 7.90 -17.69 19.20
CA ASN B 77 7.99 -17.14 17.84
C ASN B 77 6.63 -17.23 17.14
N THR B 78 5.62 -16.62 17.75
CA THR B 78 4.26 -16.73 17.25
C THR B 78 3.55 -15.39 17.37
N LEU B 79 2.79 -15.05 16.33
CA LEU B 79 2.00 -13.83 16.28
C LEU B 79 0.52 -14.20 16.35
N TYR B 80 -0.26 -13.42 17.12
CA TYR B 80 -1.65 -13.73 17.39
C TYR B 80 -2.56 -12.58 16.99
N LEU B 81 -3.79 -12.93 16.62
CA LEU B 81 -4.86 -11.95 16.39
C LEU B 81 -6.15 -12.56 16.90
N GLN B 82 -6.77 -11.90 17.88
CA GLN B 82 -7.99 -12.39 18.52
C GLN B 82 -9.17 -11.60 17.95
N MET B 83 -9.94 -12.25 17.09
CA MET B 83 -11.03 -11.59 16.38
C MET B 83 -12.35 -11.88 17.09
N SER B 84 -13.04 -10.81 17.49
CA SER B 84 -14.35 -10.90 18.10
C SER B 84 -15.35 -10.09 17.29
N SER B 85 -16.64 -10.31 17.56
CA SER B 85 -17.72 -9.58 16.90
C SER B 85 -17.57 -9.62 15.38
N LEU B 86 -17.25 -10.81 14.86
CA LEU B 86 -16.97 -10.93 13.43
C LEU B 86 -18.23 -10.66 12.61
N ARG B 87 -18.09 -9.79 11.61
CA ARG B 87 -19.15 -9.54 10.62
C ARG B 87 -18.74 -10.17 9.29
N ALA B 88 -19.70 -10.21 8.36
CA ALA B 88 -19.42 -10.78 7.05
C ALA B 88 -18.37 -9.98 6.27
N GLU B 89 -18.21 -8.69 6.58
CA GLU B 89 -17.16 -7.90 5.95
C GLU B 89 -15.77 -8.45 6.26
N ASP B 90 -15.59 -9.06 7.43
CA ASP B 90 -14.29 -9.59 7.83
C ASP B 90 -13.92 -10.86 7.08
N THR B 91 -14.77 -11.35 6.17
CA THR B 91 -14.41 -12.49 5.35
C THR B 91 -13.25 -12.12 4.43
N ALA B 92 -12.09 -12.77 4.62
CA ALA B 92 -10.90 -12.40 3.87
C ALA B 92 -9.81 -13.43 4.13
N VAL B 93 -8.77 -13.37 3.32
CA VAL B 93 -7.53 -14.09 3.60
C VAL B 93 -6.67 -13.19 4.48
N TYR B 94 -6.10 -13.76 5.53
CA TYR B 94 -5.35 -13.00 6.53
C TYR B 94 -3.89 -13.42 6.48
N TYR B 95 -3.01 -12.51 6.05
CA TYR B 95 -1.58 -12.73 6.07
C TYR B 95 -0.94 -11.98 7.23
N CYS B 96 0.02 -12.63 7.89
CA CYS B 96 0.93 -11.90 8.78
C CYS B 96 2.15 -11.50 7.99
N ALA B 97 2.63 -10.29 8.25
CA ALA B 97 3.75 -9.73 7.50
C ALA B 97 4.73 -9.09 8.47
N ARG B 98 5.98 -9.04 8.03
CA ARG B 98 7.08 -8.50 8.83
C ARG B 98 7.36 -7.08 8.38
N GLY B 99 7.58 -6.18 9.35
CA GLY B 99 8.06 -4.85 9.01
C GLY B 99 9.50 -4.91 8.56
N TYR B 100 9.85 -4.05 7.60
CA TYR B 100 11.20 -4.09 7.05
C TYR B 100 12.24 -3.65 8.08
N TYR B 101 12.13 -2.43 8.57
CA TYR B 101 13.08 -1.86 9.52
C TYR B 101 12.35 -0.99 10.52
N SER B 102 13.06 -0.61 11.59
CA SER B 102 12.47 0.22 12.64
C SER B 102 11.97 1.55 12.10
N GLY B 103 10.65 1.70 12.00
CA GLY B 103 10.05 2.87 11.42
C GLY B 103 9.68 2.71 9.96
N GLY B 104 10.28 1.75 9.27
CA GLY B 104 9.91 1.46 7.89
C GLY B 104 9.09 0.20 7.80
N ASP B 105 7.78 0.35 7.72
CA ASP B 105 6.86 -0.76 7.79
C ASP B 105 6.52 -1.35 6.43
N ALA B 106 7.45 -1.30 5.48
CA ALA B 106 7.27 -2.09 4.27
C ALA B 106 7.32 -3.57 4.63
N PHE B 107 6.49 -4.37 3.96
CA PHE B 107 6.31 -5.78 4.30
C PHE B 107 7.18 -6.64 3.38
N ASP B 108 8.33 -7.08 3.89
CA ASP B 108 9.30 -7.82 3.09
C ASP B 108 9.13 -9.33 3.21
N VAL B 109 8.38 -9.82 4.19
CA VAL B 109 8.18 -11.25 4.36
C VAL B 109 6.72 -11.47 4.74
N TRP B 110 6.01 -12.28 3.96
CA TRP B 110 4.60 -12.59 4.15
C TRP B 110 4.44 -14.09 4.37
N GLY B 111 3.26 -14.47 4.86
CA GLY B 111 2.90 -15.86 5.03
C GLY B 111 1.96 -16.34 3.94
N GLN B 112 1.65 -17.63 4.01
CA GLN B 112 0.75 -18.25 3.03
C GLN B 112 -0.63 -17.60 3.05
N GLY B 113 -1.07 -17.11 4.21
CA GLY B 113 -2.43 -16.62 4.37
C GLY B 113 -3.40 -17.73 4.71
N THR B 114 -4.36 -17.46 5.60
CA THR B 114 -5.38 -18.43 5.95
C THR B 114 -6.76 -17.80 5.76
N MET B 115 -7.70 -18.60 5.25
CA MET B 115 -9.00 -18.07 4.83
C MET B 115 -9.97 -18.06 6.02
N VAL B 116 -10.57 -16.90 6.26
CA VAL B 116 -11.60 -16.72 7.27
C VAL B 116 -12.91 -16.40 6.56
N THR B 117 -13.96 -17.14 6.90
CA THR B 117 -15.27 -16.99 6.27
C THR B 117 -16.32 -16.75 7.35
N VAL B 118 -16.82 -15.52 7.42
CA VAL B 118 -17.86 -15.14 8.36
C VAL B 118 -19.16 -15.02 7.57
N SER B 119 -20.00 -16.05 7.64
CA SER B 119 -21.26 -16.08 6.91
C SER B 119 -22.33 -16.75 7.76
N SER B 120 -23.55 -16.24 7.65
CA SER B 120 -24.66 -16.75 8.46
C SER B 120 -25.16 -18.10 7.97
N ALA B 121 -24.97 -18.43 6.69
CA ALA B 121 -25.38 -19.73 6.19
C ALA B 121 -24.54 -20.84 6.82
N SER B 122 -25.04 -22.07 6.70
CA SER B 122 -24.35 -23.25 7.20
C SER B 122 -24.20 -24.27 6.06
N THR B 123 -23.34 -25.26 6.31
CA THR B 123 -22.91 -26.21 5.28
C THR B 123 -24.09 -26.76 4.49
N LYS B 124 -23.94 -26.80 3.17
CA LYS B 124 -24.98 -27.30 2.28
C LYS B 124 -24.36 -27.63 0.92
N GLY B 125 -24.74 -28.79 0.39
CA GLY B 125 -24.23 -29.22 -0.90
C GLY B 125 -24.88 -28.52 -2.08
N PRO B 126 -24.23 -28.60 -3.24
CA PRO B 126 -24.73 -27.94 -4.43
C PRO B 126 -25.76 -28.74 -5.20
N SER B 127 -26.67 -27.99 -5.85
CA SER B 127 -27.60 -28.54 -6.81
C SER B 127 -26.98 -28.37 -8.20
N VAL B 128 -26.77 -29.46 -8.90
CA VAL B 128 -26.12 -29.43 -10.20
C VAL B 128 -27.18 -29.55 -11.28
N PHE B 129 -27.14 -28.62 -12.24
CA PHE B 129 -28.14 -28.53 -13.30
C PHE B 129 -27.42 -28.48 -14.65
N PRO B 130 -27.83 -29.27 -15.62
CA PRO B 130 -27.11 -29.31 -16.89
C PRO B 130 -27.35 -28.06 -17.71
N LEU B 131 -26.29 -27.60 -18.39
CA LEU B 131 -26.38 -26.54 -19.38
C LEU B 131 -26.34 -27.23 -20.75
N ALA B 132 -27.53 -27.51 -21.28
CA ALA B 132 -27.63 -28.29 -22.51
C ALA B 132 -26.99 -27.54 -23.68
N PRO B 133 -26.41 -28.26 -24.63
CA PRO B 133 -25.62 -27.61 -25.69
C PRO B 133 -26.40 -26.56 -26.48
N SER B 134 -25.70 -25.46 -26.80
CA SER B 134 -26.18 -24.42 -27.70
C SER B 134 -25.06 -24.07 -28.67
N SER B 135 -25.35 -23.19 -29.62
CA SER B 135 -24.36 -22.81 -30.62
C SER B 135 -24.64 -21.43 -31.20
N GLY B 140 -21.58 -20.41 -36.41
CA GLY B 140 -21.47 -21.66 -35.68
C GLY B 140 -20.32 -22.56 -36.11
N GLY B 141 -20.43 -23.84 -35.79
CA GLY B 141 -19.39 -24.80 -36.12
C GLY B 141 -19.10 -25.75 -34.98
N THR B 142 -18.96 -25.20 -33.78
CA THR B 142 -18.82 -25.96 -32.55
C THR B 142 -19.95 -25.56 -31.60
N ALA B 143 -20.05 -26.26 -30.47
CA ALA B 143 -21.12 -26.06 -29.52
C ALA B 143 -20.58 -25.93 -28.11
N ALA B 144 -21.38 -25.32 -27.25
CA ALA B 144 -21.02 -25.06 -25.85
C ALA B 144 -22.03 -25.72 -24.93
N LEU B 145 -21.54 -26.41 -23.91
CA LEU B 145 -22.37 -27.00 -22.88
C LEU B 145 -21.73 -26.67 -21.54
N GLY B 146 -22.34 -27.16 -20.47
CA GLY B 146 -21.77 -26.91 -19.16
C GLY B 146 -22.63 -27.49 -18.06
N CYS B 147 -22.25 -27.16 -16.82
CA CYS B 147 -22.95 -27.59 -15.62
C CYS B 147 -23.08 -26.40 -14.68
N LEU B 148 -24.31 -25.98 -14.41
CA LEU B 148 -24.56 -24.98 -13.37
C LEU B 148 -24.55 -25.68 -12.02
N VAL B 149 -23.68 -25.22 -11.10
CA VAL B 149 -23.53 -25.81 -9.78
C VAL B 149 -23.98 -24.80 -8.72
N LYS B 150 -25.27 -24.78 -8.40
CA LYS B 150 -25.92 -23.73 -7.62
C LYS B 150 -26.11 -24.14 -6.16
N ASP B 151 -26.14 -23.11 -5.30
CA ASP B 151 -26.61 -23.21 -3.92
C ASP B 151 -25.79 -24.24 -3.13
N TYR B 152 -24.55 -23.84 -2.81
CA TYR B 152 -23.71 -24.60 -1.91
C TYR B 152 -22.98 -23.63 -0.98
N PHE B 153 -22.50 -24.16 0.14
CA PHE B 153 -21.74 -23.44 1.13
C PHE B 153 -20.88 -24.44 1.90
N PRO B 154 -19.62 -24.12 2.20
CA PRO B 154 -18.92 -22.93 1.73
C PRO B 154 -18.11 -23.22 0.47
N GLU B 155 -17.11 -22.41 0.20
CA GLU B 155 -16.20 -22.75 -0.88
C GLU B 155 -15.11 -23.68 -0.39
N PRO B 156 -14.53 -24.51 -1.28
CA PRO B 156 -14.81 -24.58 -2.72
C PRO B 156 -15.47 -25.86 -3.24
N VAL B 157 -15.86 -25.81 -4.51
CA VAL B 157 -16.20 -27.00 -5.29
C VAL B 157 -15.14 -27.17 -6.36
N THR B 158 -14.96 -28.41 -6.80
CA THR B 158 -13.99 -28.77 -7.82
C THR B 158 -14.72 -29.46 -8.96
N VAL B 159 -14.66 -28.88 -10.16
CA VAL B 159 -15.37 -29.38 -11.33
C VAL B 159 -14.36 -30.00 -12.28
N SER B 160 -14.59 -31.25 -12.67
CA SER B 160 -13.84 -31.92 -13.72
C SER B 160 -14.77 -32.14 -14.91
N TRP B 161 -14.22 -32.74 -15.96
CA TRP B 161 -14.99 -33.06 -17.15
C TRP B 161 -14.46 -34.35 -17.73
N ASN B 162 -15.34 -35.35 -17.89
CA ASN B 162 -14.93 -36.70 -18.27
C ASN B 162 -13.89 -37.25 -17.29
N SER B 163 -14.05 -36.89 -16.01
CA SER B 163 -13.14 -37.30 -14.93
C SER B 163 -11.71 -36.83 -15.18
N GLY B 164 -11.58 -35.65 -15.80
CA GLY B 164 -10.28 -35.07 -16.08
C GLY B 164 -9.73 -35.38 -17.45
N ALA B 165 -10.43 -36.19 -18.24
CA ALA B 165 -9.95 -36.51 -19.59
C ALA B 165 -10.10 -35.32 -20.53
N LEU B 166 -11.27 -34.68 -20.50
CA LEU B 166 -11.54 -33.50 -21.31
C LEU B 166 -11.11 -32.26 -20.55
N THR B 167 -10.07 -31.57 -21.05
CA THR B 167 -9.53 -30.40 -20.39
C THR B 167 -9.47 -29.16 -21.27
N SER B 168 -9.35 -29.31 -22.59
CA SER B 168 -9.29 -28.16 -23.47
C SER B 168 -10.67 -27.54 -23.64
N GLY B 169 -10.71 -26.21 -23.69
CA GLY B 169 -11.96 -25.49 -23.81
C GLY B 169 -12.82 -25.44 -22.56
N VAL B 170 -12.35 -26.00 -21.45
CA VAL B 170 -13.08 -25.93 -20.19
C VAL B 170 -12.91 -24.55 -19.59
N HIS B 171 -14.00 -23.97 -19.12
CA HIS B 171 -13.99 -22.69 -18.43
C HIS B 171 -14.85 -22.82 -17.18
N THR B 172 -14.20 -22.98 -16.03
CA THR B 172 -14.88 -23.01 -14.74
C THR B 172 -14.79 -21.62 -14.13
N PHE B 173 -15.92 -20.92 -14.10
CA PHE B 173 -15.94 -19.54 -13.64
C PHE B 173 -15.81 -19.47 -12.12
N PRO B 174 -15.23 -18.37 -11.61
CA PRO B 174 -15.20 -18.18 -10.16
C PRO B 174 -16.61 -18.14 -9.59
N ALA B 175 -16.75 -18.65 -8.37
CA ALA B 175 -18.06 -18.67 -7.74
C ALA B 175 -18.55 -17.25 -7.46
N VAL B 176 -19.87 -17.10 -7.48
CA VAL B 176 -20.54 -15.87 -7.05
C VAL B 176 -21.44 -16.24 -5.89
N LEU B 177 -21.32 -15.52 -4.77
CA LEU B 177 -22.20 -15.75 -3.64
C LEU B 177 -23.43 -14.86 -3.78
N GLN B 178 -24.60 -15.49 -3.81
CA GLN B 178 -25.84 -14.81 -4.14
C GLN B 178 -26.39 -14.09 -2.91
N SER B 179 -27.48 -13.35 -3.10
CA SER B 179 -28.13 -12.68 -1.98
C SER B 179 -28.52 -13.68 -0.90
N SER B 180 -28.79 -14.94 -1.29
CA SER B 180 -29.13 -16.00 -0.35
C SER B 180 -28.03 -16.28 0.66
N GLY B 181 -26.79 -15.89 0.37
CA GLY B 181 -25.67 -16.32 1.17
C GLY B 181 -25.06 -17.63 0.72
N LEU B 182 -25.41 -18.09 -0.48
CA LEU B 182 -24.91 -19.34 -1.02
C LEU B 182 -24.09 -19.08 -2.28
N TYR B 183 -23.06 -19.90 -2.47
CA TYR B 183 -22.20 -19.79 -3.64
C TYR B 183 -22.81 -20.56 -4.81
N SER B 184 -22.46 -20.13 -6.03
CA SER B 184 -22.94 -20.78 -7.24
C SER B 184 -21.98 -20.46 -8.38
N LEU B 185 -21.72 -21.45 -9.23
CA LEU B 185 -20.87 -21.23 -10.39
C LEU B 185 -21.40 -22.02 -11.58
N SER B 186 -20.74 -21.85 -12.71
CA SER B 186 -20.99 -22.64 -13.90
C SER B 186 -19.67 -23.02 -14.54
N SER B 187 -19.58 -24.25 -15.03
CA SER B 187 -18.38 -24.72 -15.72
C SER B 187 -18.78 -25.18 -17.12
N VAL B 188 -18.19 -24.54 -18.13
CA VAL B 188 -18.58 -24.77 -19.52
C VAL B 188 -17.41 -25.38 -20.28
N VAL B 189 -17.73 -25.95 -21.43
CA VAL B 189 -16.73 -26.46 -22.36
C VAL B 189 -17.30 -26.35 -23.78
N THR B 190 -16.41 -26.14 -24.74
CA THR B 190 -16.78 -26.08 -26.16
C THR B 190 -16.27 -27.34 -26.85
N VAL B 191 -17.15 -27.98 -27.60
CA VAL B 191 -16.85 -29.26 -28.26
C VAL B 191 -17.28 -29.17 -29.72
N PRO B 192 -16.70 -30.00 -30.58
CA PRO B 192 -17.18 -30.06 -31.98
C PRO B 192 -18.62 -30.55 -32.02
N SER B 193 -19.33 -30.16 -33.09
CA SER B 193 -20.74 -30.53 -33.23
C SER B 193 -20.88 -31.94 -33.80
N SER B 194 -20.00 -32.31 -34.75
CA SER B 194 -20.03 -33.64 -35.36
C SER B 194 -19.91 -34.75 -34.31
N SER B 195 -19.58 -34.40 -33.07
CA SER B 195 -19.35 -35.36 -32.01
C SER B 195 -20.38 -35.33 -30.88
N LEU B 196 -21.44 -34.51 -30.93
CA LEU B 196 -22.29 -34.40 -29.73
C LEU B 196 -23.04 -35.68 -29.45
N GLY B 197 -23.43 -36.40 -30.50
CA GLY B 197 -24.12 -37.67 -30.33
C GLY B 197 -23.14 -38.81 -30.15
N THR B 198 -21.99 -38.72 -30.84
CA THR B 198 -21.02 -39.79 -30.79
C THR B 198 -20.30 -39.85 -29.44
N GLN B 199 -19.94 -38.70 -28.88
CA GLN B 199 -19.16 -38.61 -27.65
C GLN B 199 -20.04 -38.16 -26.50
N THR B 200 -19.83 -38.75 -25.33
CA THR B 200 -20.57 -38.42 -24.12
C THR B 200 -19.79 -37.42 -23.27
N TYR B 201 -20.53 -36.55 -22.58
CA TYR B 201 -19.93 -35.47 -21.79
C TYR B 201 -20.54 -35.48 -20.39
N ILE B 202 -19.69 -35.66 -19.39
CA ILE B 202 -20.10 -35.74 -17.99
C ILE B 202 -19.22 -34.81 -17.18
N CYS B 203 -19.84 -33.96 -16.35
CA CYS B 203 -19.11 -33.12 -15.41
C CYS B 203 -19.15 -33.78 -14.03
N ASN B 204 -17.99 -33.87 -13.41
CA ASN B 204 -17.85 -34.51 -12.10
C ASN B 204 -17.56 -33.44 -11.06
N VAL B 205 -18.62 -33.03 -10.35
CA VAL B 205 -18.54 -32.01 -9.31
C VAL B 205 -18.19 -32.66 -7.98
N ASN B 206 -17.51 -31.92 -7.12
CA ASN B 206 -17.22 -32.39 -5.77
C ASN B 206 -17.15 -31.20 -4.83
N HIS B 207 -17.82 -31.34 -3.68
CA HIS B 207 -17.83 -30.32 -2.63
C HIS B 207 -17.45 -31.02 -1.32
N LYS B 208 -16.16 -30.95 -0.96
CA LYS B 208 -15.67 -31.69 0.21
C LYS B 208 -16.28 -31.26 1.53
N PRO B 209 -16.51 -29.97 1.82
CA PRO B 209 -17.22 -29.61 3.05
C PRO B 209 -18.60 -30.24 3.13
N SER B 210 -19.20 -30.59 1.98
CA SER B 210 -20.47 -31.27 1.95
C SER B 210 -20.34 -32.76 1.65
N ASN B 211 -19.18 -33.21 1.18
CA ASN B 211 -19.01 -34.55 0.62
C ASN B 211 -20.09 -34.84 -0.41
N THR B 212 -20.33 -33.85 -1.28
CA THR B 212 -21.30 -33.97 -2.35
C THR B 212 -20.52 -34.29 -3.62
N LYS B 213 -20.29 -35.58 -3.82
CA LYS B 213 -19.68 -36.08 -5.05
C LYS B 213 -20.80 -36.57 -5.97
N VAL B 214 -20.93 -35.93 -7.13
CA VAL B 214 -22.00 -36.26 -8.06
C VAL B 214 -21.53 -35.96 -9.47
N ASP B 215 -21.97 -36.80 -10.41
CA ASP B 215 -21.74 -36.60 -11.83
C ASP B 215 -23.08 -36.45 -12.52
N LYS B 216 -23.18 -35.48 -13.43
CA LYS B 216 -24.40 -35.25 -14.19
C LYS B 216 -24.04 -35.19 -15.67
N LYS B 217 -24.66 -36.07 -16.46
CA LYS B 217 -24.43 -36.12 -17.89
C LYS B 217 -25.29 -35.05 -18.56
N VAL B 218 -24.65 -34.20 -19.35
CA VAL B 218 -25.35 -33.14 -20.09
C VAL B 218 -25.53 -33.63 -21.53
N GLU B 219 -26.75 -33.50 -22.03
CA GLU B 219 -27.17 -34.08 -23.30
C GLU B 219 -27.81 -33.03 -24.18
N PRO B 220 -27.88 -33.28 -25.49
CA PRO B 220 -28.74 -32.45 -26.34
C PRO B 220 -30.20 -32.60 -25.93
N LYS B 221 -30.91 -31.48 -25.90
CA LYS B 221 -32.31 -31.47 -25.48
C LYS B 221 -33.21 -32.04 -26.58
N ASP C 1 -7.36 9.12 6.62
CA ASP C 1 -6.18 8.35 6.20
C ASP C 1 -5.60 8.89 4.90
N ILE C 2 -4.38 8.47 4.59
CA ILE C 2 -3.74 8.82 3.34
C ILE C 2 -4.31 7.92 2.23
N GLN C 3 -4.94 8.53 1.24
CA GLN C 3 -5.60 7.78 0.17
C GLN C 3 -4.64 7.55 -0.97
N MET C 4 -4.40 6.28 -1.30
CA MET C 4 -3.46 5.90 -2.35
C MET C 4 -4.22 5.62 -3.64
N THR C 5 -3.92 6.40 -4.68
CA THR C 5 -4.62 6.32 -5.96
C THR C 5 -3.65 5.84 -7.03
N GLN C 6 -3.91 4.63 -7.53
CA GLN C 6 -3.09 4.08 -8.60
C GLN C 6 -3.75 4.30 -9.95
N SER C 7 -2.91 4.35 -10.99
CA SER C 7 -3.34 4.60 -12.35
C SER C 7 -2.32 4.01 -13.31
N PRO C 8 -2.76 3.25 -14.31
CA PRO C 8 -4.18 2.93 -14.49
C PRO C 8 -4.61 1.74 -13.64
N SER C 9 -5.92 1.51 -13.54
CA SER C 9 -6.40 0.31 -12.86
C SER C 9 -6.02 -0.95 -13.62
N THR C 10 -6.00 -0.86 -14.95
CA THR C 10 -5.67 -1.98 -15.82
C THR C 10 -4.70 -1.48 -16.87
N LEU C 11 -3.65 -2.25 -17.12
CA LEU C 11 -2.64 -1.89 -18.11
C LEU C 11 -2.34 -3.13 -18.92
N SER C 12 -2.55 -3.06 -20.23
CA SER C 12 -2.36 -4.20 -21.13
C SER C 12 -1.16 -3.95 -22.02
N ALA C 13 -0.17 -4.83 -21.93
CA ALA C 13 1.08 -4.65 -22.68
C ALA C 13 1.67 -6.02 -23.02
N SER C 14 2.68 -6.01 -23.89
CA SER C 14 3.25 -7.22 -24.44
C SER C 14 4.68 -7.43 -23.93
N VAL C 15 5.23 -8.61 -24.24
CA VAL C 15 6.57 -8.97 -23.79
C VAL C 15 7.60 -8.10 -24.49
N GLY C 16 8.52 -7.53 -23.71
CA GLY C 16 9.52 -6.63 -24.22
C GLY C 16 9.20 -5.16 -24.02
N ASP C 17 7.95 -4.84 -23.73
CA ASP C 17 7.54 -3.45 -23.58
C ASP C 17 8.01 -2.88 -22.24
N ARG C 18 8.14 -1.56 -22.21
CA ARG C 18 8.30 -0.82 -20.95
C ARG C 18 6.93 -0.33 -20.51
N VAL C 19 6.72 -0.30 -19.20
CA VAL C 19 5.39 -0.11 -18.61
C VAL C 19 5.52 0.70 -17.35
N THR C 20 4.71 1.75 -17.22
CA THR C 20 4.79 2.67 -16.09
C THR C 20 3.44 2.75 -15.38
N ILE C 21 3.43 2.30 -14.12
CA ILE C 21 2.29 2.43 -13.22
C ILE C 21 2.59 3.56 -12.24
N THR C 22 1.60 4.42 -12.00
CA THR C 22 1.77 5.58 -11.13
C THR C 22 0.90 5.44 -9.88
N CYS C 23 1.45 5.86 -8.75
CA CYS C 23 0.76 5.89 -7.48
C CYS C 23 0.69 7.34 -7.01
N ARG C 24 -0.39 7.68 -6.31
CA ARG C 24 -0.62 9.06 -5.90
C ARG C 24 -1.21 9.08 -4.51
N ALA C 25 -0.56 9.78 -3.59
CA ALA C 25 -1.02 9.90 -2.22
C ALA C 25 -1.74 11.22 -1.99
N SER C 26 -2.71 11.20 -1.07
CA SER C 26 -3.50 12.40 -0.79
C SER C 26 -2.71 13.42 0.03
N GLN C 27 -1.76 12.97 0.84
CA GLN C 27 -0.85 13.83 1.57
C GLN C 27 0.58 13.52 1.15
N THR C 28 1.50 14.39 1.53
CA THR C 28 2.90 14.12 1.27
C THR C 28 3.38 12.99 2.18
N ILE C 29 4.00 11.97 1.60
CA ILE C 29 4.47 10.82 2.34
C ILE C 29 5.99 10.68 2.25
N THR C 30 6.68 11.78 1.91
CA THR C 30 8.13 11.82 1.73
C THR C 30 8.53 10.73 0.75
N ILE C 31 9.31 9.72 1.15
CA ILE C 31 9.76 8.66 0.26
C ILE C 31 9.44 7.31 0.88
N TRP C 32 8.38 7.24 1.68
CA TRP C 32 7.99 6.01 2.37
C TRP C 32 6.88 5.35 1.55
N LEU C 33 7.30 4.46 0.65
CA LEU C 33 6.36 3.79 -0.24
C LEU C 33 6.89 2.39 -0.54
N ALA C 34 6.00 1.52 -1.00
CA ALA C 34 6.41 0.17 -1.35
C ALA C 34 5.59 -0.31 -2.54
N TRP C 35 6.22 -1.12 -3.37
CA TRP C 35 5.57 -1.69 -4.56
C TRP C 35 5.59 -3.21 -4.44
N TYR C 36 4.41 -3.82 -4.57
CA TYR C 36 4.25 -5.26 -4.40
C TYR C 36 3.77 -5.88 -5.69
N GLN C 37 4.27 -7.08 -5.97
CA GLN C 37 3.79 -7.89 -7.08
C GLN C 37 2.97 -9.03 -6.48
N GLN C 38 1.68 -9.06 -6.79
CA GLN C 38 0.82 -10.14 -6.30
C GLN C 38 0.27 -10.89 -7.50
N LYS C 39 0.51 -12.19 -7.54
CA LYS C 39 -0.02 -13.15 -8.48
C LYS C 39 -1.20 -13.88 -7.86
N PRO C 40 -2.14 -14.37 -8.67
CA PRO C 40 -3.37 -14.95 -8.13
C PRO C 40 -3.12 -16.07 -7.13
N GLY C 41 -3.76 -15.97 -5.96
CA GLY C 41 -3.69 -16.97 -4.93
C GLY C 41 -2.43 -16.97 -4.10
N LYS C 42 -1.56 -15.98 -4.28
CA LYS C 42 -0.27 -15.94 -3.60
C LYS C 42 -0.15 -14.65 -2.81
N ALA C 43 0.70 -14.69 -1.79
CA ALA C 43 0.96 -13.50 -1.00
C ALA C 43 1.62 -12.43 -1.87
N PRO C 44 1.50 -11.16 -1.51
CA PRO C 44 2.22 -10.12 -2.23
C PRO C 44 3.73 -10.29 -2.04
N LYS C 45 4.48 -9.97 -3.09
CA LYS C 45 5.93 -10.04 -3.09
C LYS C 45 6.45 -8.61 -3.15
N LEU C 46 7.20 -8.19 -2.13
CA LEU C 46 7.78 -6.85 -2.12
C LEU C 46 8.78 -6.70 -3.25
N LEU C 47 8.68 -5.59 -3.99
CA LEU C 47 9.58 -5.29 -5.09
C LEU C 47 10.55 -4.16 -4.75
N ILE C 48 10.03 -2.98 -4.42
CA ILE C 48 10.91 -1.85 -4.09
C ILE C 48 10.37 -1.14 -2.87
N TYR C 49 11.20 -0.98 -1.84
CA TYR C 49 10.87 -0.25 -0.64
C TYR C 49 11.42 1.17 -0.70
N ASP C 50 10.95 2.01 0.21
CA ASP C 50 11.21 3.45 0.20
C ASP C 50 10.65 3.98 -1.11
N ALA C 51 11.39 4.75 -1.89
CA ALA C 51 10.83 5.21 -3.15
C ALA C 51 11.44 4.51 -4.35
N VAL C 52 12.73 4.22 -4.30
CA VAL C 52 13.50 3.82 -5.47
C VAL C 52 14.37 2.60 -5.16
N SER C 53 14.50 2.25 -3.88
CA SER C 53 15.40 1.19 -3.46
C SER C 53 14.83 -0.18 -3.82
N LEU C 54 15.68 -1.06 -4.32
CA LEU C 54 15.28 -2.38 -4.78
C LEU C 54 15.49 -3.43 -3.69
N GLU C 55 14.55 -4.35 -3.56
CA GLU C 55 14.68 -5.45 -2.62
C GLU C 55 15.62 -6.51 -3.18
N SER C 56 16.28 -7.24 -2.28
CA SER C 56 17.11 -8.36 -2.69
C SER C 56 16.28 -9.38 -3.46
N GLY C 57 16.79 -9.78 -4.63
CA GLY C 57 16.12 -10.74 -5.47
C GLY C 57 15.31 -10.14 -6.59
N VAL C 58 15.06 -8.84 -6.55
CA VAL C 58 14.23 -8.19 -7.57
C VAL C 58 15.07 -7.87 -8.77
N PRO C 59 14.63 -8.19 -9.99
CA PRO C 59 15.43 -7.88 -11.18
C PRO C 59 15.59 -6.38 -11.34
N SER C 60 16.58 -6.00 -12.16
CA SER C 60 16.88 -4.60 -12.38
C SER C 60 15.92 -3.93 -13.36
N ARG C 61 15.04 -4.69 -14.03
CA ARG C 61 14.06 -4.05 -14.90
C ARG C 61 13.08 -3.21 -14.10
N PHE C 62 12.88 -3.53 -12.83
CA PHE C 62 12.00 -2.76 -11.98
C PHE C 62 12.69 -1.47 -11.55
N ARG C 63 12.00 -0.35 -11.73
CA ARG C 63 12.53 0.95 -11.34
C ARG C 63 11.46 1.73 -10.60
N GLY C 64 11.83 2.33 -9.47
CA GLY C 64 10.98 3.24 -8.76
C GLY C 64 11.40 4.69 -9.00
N SER C 65 10.47 5.59 -8.69
CA SER C 65 10.68 7.02 -8.92
C SER C 65 9.56 7.82 -8.28
N GLY C 66 9.90 8.65 -7.30
CA GLY C 66 8.88 9.49 -6.68
C GLY C 66 9.33 10.18 -5.41
N SER C 67 8.69 11.30 -5.10
CA SER C 67 8.95 12.05 -3.87
C SER C 67 7.69 12.82 -3.54
N GLY C 68 7.31 12.84 -2.27
CA GLY C 68 6.14 13.59 -1.87
C GLY C 68 4.83 12.84 -2.08
N THR C 69 4.16 13.10 -3.22
CA THR C 69 2.85 12.51 -3.47
C THR C 69 2.75 11.70 -4.75
N ASP C 70 3.61 11.94 -5.74
CA ASP C 70 3.50 11.32 -7.06
C ASP C 70 4.68 10.36 -7.26
N PHE C 71 4.37 9.08 -7.39
CA PHE C 71 5.37 8.04 -7.52
C PHE C 71 5.05 7.17 -8.73
N THR C 72 6.08 6.52 -9.28
CA THR C 72 5.89 5.67 -10.45
C THR C 72 6.66 4.36 -10.26
N LEU C 73 6.27 3.37 -11.04
CA LEU C 73 6.98 2.09 -11.09
C LEU C 73 7.08 1.68 -12.55
N THR C 74 8.29 1.49 -13.06
CA THR C 74 8.49 1.18 -14.46
C THR C 74 9.21 -0.14 -14.60
N ILE C 75 8.59 -1.06 -15.33
CA ILE C 75 9.18 -2.36 -15.68
C ILE C 75 9.76 -2.22 -17.09
N SER C 76 11.08 -2.28 -17.20
CA SER C 76 11.76 -1.84 -18.41
C SER C 76 11.69 -2.86 -19.54
N SER C 77 11.53 -4.14 -19.24
CA SER C 77 11.39 -5.14 -20.29
C SER C 77 10.47 -6.24 -19.77
N LEU C 78 9.25 -6.28 -20.29
CA LEU C 78 8.26 -7.19 -19.74
C LEU C 78 8.67 -8.64 -19.98
N GLN C 79 8.75 -9.39 -18.95
CA GLN C 79 8.86 -10.83 -19.05
C GLN C 79 7.52 -11.47 -18.73
N PRO C 80 7.26 -12.68 -19.23
CA PRO C 80 5.98 -13.34 -18.93
C PRO C 80 5.68 -13.45 -17.44
N ASP C 81 6.71 -13.45 -16.61
CA ASP C 81 6.51 -13.48 -15.17
C ASP C 81 5.89 -12.19 -14.64
N ASP C 82 6.18 -11.05 -15.29
CA ASP C 82 5.80 -9.75 -14.77
C ASP C 82 4.30 -9.49 -14.78
N PHE C 83 3.51 -10.29 -15.49
CA PHE C 83 2.08 -10.05 -15.60
C PHE C 83 1.40 -10.54 -14.31
N ALA C 84 1.01 -9.60 -13.47
CA ALA C 84 0.27 -9.88 -12.24
C ALA C 84 -0.52 -8.63 -11.89
N THR C 85 -0.81 -8.44 -10.60
CA THR C 85 -1.42 -7.22 -10.10
C THR C 85 -0.41 -6.52 -9.21
N TYR C 86 -0.20 -5.23 -9.43
CA TYR C 86 0.78 -4.45 -8.70
C TYR C 86 0.08 -3.48 -7.76
N TYR C 87 0.63 -3.33 -6.56
CA TYR C 87 0.07 -2.47 -5.54
C TYR C 87 1.13 -1.51 -5.01
N CYS C 88 0.70 -0.31 -4.66
CA CYS C 88 1.56 0.61 -3.93
C CYS C 88 1.05 0.73 -2.51
N GLN C 89 1.94 1.11 -1.60
CA GLN C 89 1.58 1.21 -0.20
C GLN C 89 2.41 2.30 0.47
N GLN C 90 1.74 3.20 1.17
CA GLN C 90 2.45 4.17 1.98
C GLN C 90 2.72 3.58 3.36
N TYR C 91 3.84 4.00 3.97
CA TYR C 91 4.06 3.73 5.38
C TYR C 91 4.58 4.97 6.07
N ASN C 92 4.08 6.13 5.65
CA ASN C 92 4.37 7.38 6.34
C ASN C 92 3.86 7.35 7.77
N ASN C 93 2.64 6.86 7.96
CA ASN C 93 2.02 6.78 9.28
C ASN C 93 0.94 5.70 9.24
N TYR C 94 0.57 5.22 10.43
CA TYR C 94 -0.54 4.28 10.43
C TYR C 94 -1.87 5.02 10.51
N PRO C 95 -2.96 4.49 9.94
CA PRO C 95 -3.08 3.19 9.26
C PRO C 95 -2.42 3.15 7.89
N TYR C 96 -1.75 2.04 7.61
CA TYR C 96 -1.02 1.86 6.37
C TYR C 96 -2.00 1.51 5.25
N THR C 97 -2.04 2.35 4.23
CA THR C 97 -3.02 2.23 3.16
C THR C 97 -2.34 1.77 1.88
N PHE C 98 -3.07 0.96 1.10
CA PHE C 98 -2.63 0.47 -0.19
C PHE C 98 -3.38 1.15 -1.31
N GLY C 99 -2.89 0.94 -2.52
CA GLY C 99 -3.57 1.43 -3.69
C GLY C 99 -4.62 0.44 -4.16
N GLN C 100 -5.40 0.89 -5.15
CA GLN C 100 -6.44 0.04 -5.71
C GLN C 100 -5.88 -1.24 -6.32
N GLY C 101 -4.63 -1.22 -6.77
CA GLY C 101 -4.10 -2.31 -7.55
C GLY C 101 -4.08 -1.96 -9.04
N THR C 102 -3.12 -2.53 -9.74
CA THR C 102 -3.00 -2.37 -11.19
C THR C 102 -2.75 -3.74 -11.80
N LYS C 103 -3.70 -4.21 -12.62
CA LYS C 103 -3.57 -5.51 -13.25
C LYS C 103 -2.76 -5.36 -14.53
N LEU C 104 -1.61 -6.05 -14.61
CA LEU C 104 -0.79 -6.03 -15.80
C LEU C 104 -1.16 -7.23 -16.66
N GLU C 105 -2.05 -6.99 -17.62
CA GLU C 105 -2.54 -8.00 -18.55
C GLU C 105 -1.69 -8.00 -19.81
N ILE C 106 -1.64 -9.16 -20.49
CA ILE C 106 -0.94 -9.20 -21.77
C ILE C 106 -1.88 -8.74 -22.87
N LYS C 107 -1.34 -8.00 -23.85
CA LYS C 107 -2.15 -7.51 -24.95
C LYS C 107 -2.19 -8.52 -26.08
N ARG C 108 -3.38 -8.71 -26.63
CA ARG C 108 -3.60 -9.52 -27.83
C ARG C 108 -4.58 -8.78 -28.72
N THR C 109 -4.71 -9.23 -29.96
CA THR C 109 -5.61 -8.56 -30.89
C THR C 109 -7.05 -8.80 -30.48
N VAL C 110 -7.91 -7.80 -30.74
CA VAL C 110 -9.28 -7.83 -30.24
C VAL C 110 -10.02 -9.05 -30.77
N ALA C 111 -10.82 -9.67 -29.91
CA ALA C 111 -11.70 -10.78 -30.27
C ALA C 111 -13.08 -10.52 -29.71
N ALA C 112 -14.11 -10.74 -30.54
CA ALA C 112 -15.49 -10.59 -30.11
C ALA C 112 -15.97 -11.84 -29.39
N PRO C 113 -16.87 -11.70 -28.41
CA PRO C 113 -17.34 -12.88 -27.67
C PRO C 113 -18.29 -13.73 -28.49
N SER C 114 -18.10 -15.04 -28.40
CA SER C 114 -19.07 -16.00 -28.94
C SER C 114 -20.18 -16.17 -27.91
N VAL C 115 -21.38 -15.74 -28.24
CA VAL C 115 -22.47 -15.69 -27.28
C VAL C 115 -23.30 -16.96 -27.35
N PHE C 116 -23.65 -17.48 -26.18
CA PHE C 116 -24.54 -18.63 -26.04
C PHE C 116 -25.51 -18.34 -24.91
N ILE C 117 -26.76 -18.78 -25.08
CA ILE C 117 -27.78 -18.66 -24.03
C ILE C 117 -28.23 -20.07 -23.65
N PHE C 118 -28.56 -20.25 -22.37
CA PHE C 118 -28.89 -21.57 -21.83
C PHE C 118 -30.21 -21.48 -21.08
N PRO C 119 -31.26 -22.17 -21.54
CA PRO C 119 -32.54 -22.13 -20.83
C PRO C 119 -32.45 -22.84 -19.49
N PRO C 120 -33.33 -22.51 -18.54
CA PRO C 120 -33.27 -23.15 -17.22
C PRO C 120 -33.55 -24.64 -17.31
N SER C 121 -32.77 -25.42 -16.56
CA SER C 121 -32.93 -26.86 -16.57
C SER C 121 -34.31 -27.28 -16.07
N ASP C 122 -34.78 -28.41 -16.58
CA ASP C 122 -36.08 -28.92 -16.13
C ASP C 122 -36.06 -29.29 -14.65
N GLU C 123 -34.94 -29.87 -14.19
CA GLU C 123 -34.82 -30.21 -12.78
C GLU C 123 -34.85 -28.97 -11.91
N GLN C 124 -34.16 -27.91 -12.34
CA GLN C 124 -34.18 -26.66 -11.60
C GLN C 124 -35.56 -26.03 -11.62
N LEU C 125 -36.30 -26.20 -12.72
CA LEU C 125 -37.66 -25.68 -12.80
C LEU C 125 -38.60 -26.43 -11.86
N LYS C 126 -38.42 -27.75 -11.73
CA LYS C 126 -39.24 -28.52 -10.81
C LYS C 126 -39.03 -28.06 -9.37
N SER C 127 -37.83 -27.57 -9.03
CA SER C 127 -37.57 -27.07 -7.69
C SER C 127 -38.19 -25.71 -7.44
N GLY C 128 -38.52 -24.95 -8.48
CA GLY C 128 -39.22 -23.69 -8.35
C GLY C 128 -38.44 -22.45 -8.73
N THR C 129 -37.16 -22.59 -9.08
CA THR C 129 -36.31 -21.47 -9.45
C THR C 129 -35.80 -21.64 -10.87
N ALA C 130 -35.75 -20.52 -11.61
CA ALA C 130 -35.33 -20.52 -13.01
C ALA C 130 -34.17 -19.56 -13.18
N SER C 131 -32.98 -20.10 -13.46
CA SER C 131 -31.80 -19.29 -13.75
C SER C 131 -31.41 -19.50 -15.21
N VAL C 132 -31.41 -18.43 -15.99
CA VAL C 132 -30.99 -18.47 -17.38
C VAL C 132 -29.54 -18.00 -17.48
N VAL C 133 -28.73 -18.75 -18.21
CA VAL C 133 -27.28 -18.55 -18.29
C VAL C 133 -26.94 -18.00 -19.66
N CYS C 134 -26.18 -16.91 -19.68
CA CYS C 134 -25.61 -16.35 -20.90
C CYS C 134 -24.10 -16.50 -20.83
N LEU C 135 -23.48 -16.83 -21.96
CA LEU C 135 -22.06 -17.18 -22.00
C LEU C 135 -21.35 -16.37 -23.07
N LEU C 136 -20.39 -15.56 -22.65
CA LEU C 136 -19.51 -14.83 -23.57
C LEU C 136 -18.15 -15.52 -23.52
N ASN C 137 -17.74 -16.12 -24.64
CA ASN C 137 -16.60 -17.01 -24.65
C ASN C 137 -15.47 -16.44 -25.51
N ASN C 138 -14.27 -16.37 -24.93
CA ASN C 138 -13.05 -16.03 -25.65
C ASN C 138 -13.18 -14.69 -26.38
N PHE C 139 -13.09 -13.62 -25.59
CA PHE C 139 -13.14 -12.27 -26.11
C PHE C 139 -12.01 -11.45 -25.52
N TYR C 140 -11.71 -10.33 -26.19
CA TYR C 140 -10.67 -9.42 -25.71
C TYR C 140 -10.98 -8.00 -26.16
N PRO C 141 -10.82 -7.00 -25.26
CA PRO C 141 -10.44 -7.16 -23.86
C PRO C 141 -11.59 -7.60 -22.95
N ARG C 142 -11.39 -7.50 -21.63
CA ARG C 142 -12.37 -7.98 -20.67
C ARG C 142 -13.60 -7.07 -20.58
N GLU C 143 -13.47 -5.81 -21.00
CA GLU C 143 -14.59 -4.87 -20.97
C GLU C 143 -15.76 -5.42 -21.78
N ALA C 144 -16.86 -5.72 -21.09
CA ALA C 144 -18.04 -6.25 -21.76
C ALA C 144 -19.27 -5.90 -20.93
N LYS C 145 -20.37 -5.61 -21.63
CA LYS C 145 -21.62 -5.23 -20.97
C LYS C 145 -22.73 -6.15 -21.44
N VAL C 146 -23.34 -6.85 -20.48
CA VAL C 146 -24.40 -7.81 -20.74
C VAL C 146 -25.67 -7.30 -20.07
N GLN C 147 -26.74 -7.13 -20.85
CA GLN C 147 -28.02 -6.68 -20.35
C GLN C 147 -29.09 -7.73 -20.64
N TRP C 148 -29.95 -7.98 -19.66
CA TRP C 148 -31.04 -8.93 -19.80
C TRP C 148 -32.32 -8.18 -20.14
N LYS C 149 -33.06 -8.70 -21.12
CA LYS C 149 -34.33 -8.13 -21.53
C LYS C 149 -35.36 -9.25 -21.61
N VAL C 150 -36.35 -9.22 -20.72
CA VAL C 150 -37.45 -10.19 -20.68
C VAL C 150 -38.66 -9.58 -21.37
N ASP C 151 -39.10 -10.21 -22.46
CA ASP C 151 -40.25 -9.75 -23.23
C ASP C 151 -40.02 -8.33 -23.79
N ASN C 152 -38.79 -8.10 -24.27
CA ASN C 152 -38.29 -6.80 -24.72
C ASN C 152 -38.21 -5.78 -23.58
N ALA C 153 -38.31 -6.23 -22.33
CA ALA C 153 -38.28 -5.33 -21.17
C ALA C 153 -37.01 -5.58 -20.36
N LEU C 154 -36.24 -4.51 -20.13
CA LEU C 154 -34.94 -4.63 -19.48
C LEU C 154 -35.08 -4.99 -18.02
N GLN C 155 -34.07 -5.69 -17.50
CA GLN C 155 -34.04 -6.15 -16.12
C GLN C 155 -32.85 -5.51 -15.41
N SER C 156 -32.97 -5.38 -14.08
CA SER C 156 -31.89 -4.80 -13.28
C SER C 156 -31.84 -5.48 -11.92
N GLY C 157 -30.62 -5.77 -11.47
CA GLY C 157 -30.40 -6.30 -10.14
C GLY C 157 -30.75 -7.77 -9.95
N ASN C 158 -31.31 -8.43 -10.96
CA ASN C 158 -31.67 -9.84 -10.86
C ASN C 158 -30.65 -10.75 -11.52
N SER C 159 -29.54 -10.20 -12.00
CA SER C 159 -28.48 -10.98 -12.62
C SER C 159 -27.16 -10.69 -11.92
N GLN C 160 -26.23 -11.64 -12.03
CA GLN C 160 -24.90 -11.49 -11.46
C GLN C 160 -23.88 -12.14 -12.39
N GLU C 161 -22.75 -11.48 -12.61
CA GLU C 161 -21.74 -11.88 -13.58
C GLU C 161 -20.51 -12.48 -12.89
N SER C 162 -19.69 -13.15 -13.70
CA SER C 162 -18.47 -13.79 -13.22
C SER C 162 -17.52 -13.96 -14.40
N VAL C 163 -16.24 -13.65 -14.17
CA VAL C 163 -15.25 -13.58 -15.25
C VAL C 163 -14.09 -14.53 -14.97
N THR C 164 -13.63 -15.20 -16.02
CA THR C 164 -12.42 -16.03 -15.93
C THR C 164 -11.18 -15.17 -15.80
N GLU C 165 -10.08 -15.80 -15.45
CA GLU C 165 -8.78 -15.17 -15.57
C GLU C 165 -8.26 -15.39 -16.99
N GLN C 166 -7.32 -14.53 -17.39
CA GLN C 166 -6.91 -14.52 -18.79
C GLN C 166 -6.29 -15.86 -19.17
N ASP C 167 -6.81 -16.43 -20.26
CA ASP C 167 -6.40 -17.76 -20.68
C ASP C 167 -4.90 -17.82 -20.94
N SER C 168 -4.30 -18.98 -20.61
CA SER C 168 -2.86 -19.12 -20.77
C SER C 168 -2.45 -19.16 -22.23
N LYS C 169 -3.29 -19.76 -23.09
CA LYS C 169 -3.00 -19.83 -24.52
C LYS C 169 -3.76 -18.76 -25.29
N ASP C 170 -5.09 -18.80 -25.27
CA ASP C 170 -5.92 -17.82 -25.98
C ASP C 170 -5.56 -16.39 -25.60
N SER C 171 -5.18 -16.16 -24.35
CA SER C 171 -5.09 -14.81 -23.76
C SER C 171 -6.43 -14.09 -23.74
N THR C 172 -7.52 -14.83 -23.83
CA THR C 172 -8.86 -14.27 -23.84
C THR C 172 -9.52 -14.45 -22.49
N TYR C 173 -10.70 -13.85 -22.36
CA TYR C 173 -11.54 -13.96 -21.18
C TYR C 173 -12.86 -14.59 -21.57
N SER C 174 -13.54 -15.16 -20.58
CA SER C 174 -14.90 -15.62 -20.74
C SER C 174 -15.74 -15.09 -19.59
N LEU C 175 -17.02 -14.87 -19.85
CA LEU C 175 -17.92 -14.21 -18.90
C LEU C 175 -19.23 -14.98 -18.83
N SER C 176 -19.85 -14.97 -17.66
CA SER C 176 -21.07 -15.73 -17.44
C SER C 176 -22.05 -14.87 -16.65
N SER C 177 -23.15 -14.50 -17.30
CA SER C 177 -24.24 -13.79 -16.65
C SER C 177 -25.36 -14.79 -16.35
N THR C 178 -25.89 -14.74 -15.13
CA THR C 178 -26.90 -15.70 -14.68
C THR C 178 -28.09 -14.94 -14.09
N LEU C 179 -29.06 -14.65 -14.95
CA LEU C 179 -30.31 -14.02 -14.52
C LEU C 179 -31.20 -15.04 -13.82
N THR C 180 -31.65 -14.71 -12.60
CA THR C 180 -32.36 -15.64 -11.73
C THR C 180 -33.73 -15.08 -11.34
N LEU C 181 -34.76 -15.92 -11.46
CA LEU C 181 -36.09 -15.61 -10.96
C LEU C 181 -36.78 -16.93 -10.62
N SER C 182 -38.01 -16.85 -10.15
CA SER C 182 -38.76 -18.05 -9.76
C SER C 182 -39.46 -18.65 -10.97
N LYS C 183 -39.92 -19.90 -10.81
CA LYS C 183 -40.62 -20.57 -11.90
C LYS C 183 -41.90 -19.85 -12.27
N ALA C 184 -42.68 -19.44 -11.27
CA ALA C 184 -43.92 -18.71 -11.55
C ALA C 184 -43.62 -17.42 -12.30
N ASP C 185 -42.61 -16.67 -11.85
CA ASP C 185 -42.18 -15.48 -12.58
C ASP C 185 -41.63 -15.82 -13.96
N TYR C 186 -40.98 -16.99 -14.08
CA TYR C 186 -40.44 -17.39 -15.37
C TYR C 186 -41.53 -17.70 -16.38
N GLU C 187 -42.70 -18.16 -15.92
CA GLU C 187 -43.71 -18.71 -16.81
C GLU C 187 -44.73 -17.67 -17.26
N LYS C 188 -44.43 -16.38 -17.15
CA LYS C 188 -45.34 -15.33 -17.59
C LYS C 188 -44.84 -14.53 -18.79
N HIS C 189 -43.57 -14.68 -19.18
CA HIS C 189 -43.03 -14.04 -20.37
C HIS C 189 -42.34 -15.08 -21.23
N LYS C 190 -42.26 -14.81 -22.53
CA LYS C 190 -41.91 -15.85 -23.50
C LYS C 190 -40.51 -15.70 -24.07
N VAL C 191 -40.15 -14.56 -24.70
CA VAL C 191 -38.77 -14.39 -25.15
C VAL C 191 -37.90 -14.03 -23.95
N TYR C 192 -36.68 -14.55 -23.94
CA TYR C 192 -35.67 -14.20 -22.95
C TYR C 192 -34.39 -13.88 -23.70
N ALA C 193 -34.00 -12.61 -23.72
CA ALA C 193 -32.92 -12.13 -24.56
C ALA C 193 -31.70 -11.74 -23.73
N CYS C 194 -30.53 -11.85 -24.36
CA CYS C 194 -29.25 -11.52 -23.73
C CYS C 194 -28.53 -10.57 -24.69
N GLU C 195 -28.54 -9.27 -24.39
CA GLU C 195 -27.96 -8.27 -25.26
C GLU C 195 -26.50 -8.03 -24.86
N VAL C 196 -25.59 -8.20 -25.82
CA VAL C 196 -24.15 -8.16 -25.58
C VAL C 196 -23.57 -6.99 -26.37
N THR C 197 -22.79 -6.16 -25.69
CA THR C 197 -22.05 -5.10 -26.34
C THR C 197 -20.62 -5.13 -25.85
N HIS C 198 -19.69 -4.97 -26.80
CA HIS C 198 -18.27 -5.15 -26.60
C HIS C 198 -17.57 -4.59 -27.83
N GLN C 199 -16.37 -4.01 -27.62
CA GLN C 199 -15.73 -3.25 -28.70
C GLN C 199 -15.35 -4.14 -29.88
N GLY C 200 -15.30 -5.45 -29.69
CA GLY C 200 -15.15 -6.36 -30.81
C GLY C 200 -16.42 -6.53 -31.64
N LEU C 201 -17.54 -6.00 -31.17
CA LEU C 201 -18.79 -6.02 -31.91
C LEU C 201 -19.04 -4.65 -32.51
N SER C 202 -19.34 -4.61 -33.81
CA SER C 202 -19.71 -3.35 -34.45
C SER C 202 -20.99 -2.77 -33.85
N SER C 203 -21.98 -3.62 -33.60
CA SER C 203 -23.23 -3.27 -32.96
C SER C 203 -23.55 -4.32 -31.90
N PRO C 204 -24.36 -3.97 -30.91
CA PRO C 204 -24.72 -4.96 -29.89
C PRO C 204 -25.40 -6.18 -30.51
N VAL C 205 -24.97 -7.36 -30.08
CA VAL C 205 -25.49 -8.63 -30.57
C VAL C 205 -26.41 -9.23 -29.52
N THR C 206 -27.60 -9.67 -29.95
CA THR C 206 -28.61 -10.17 -29.05
C THR C 206 -28.89 -11.64 -29.34
N LYS C 207 -28.85 -12.48 -28.31
CA LYS C 207 -29.12 -13.90 -28.42
C LYS C 207 -30.24 -14.25 -27.45
N SER C 208 -31.29 -14.90 -27.97
CA SER C 208 -32.51 -15.11 -27.21
C SER C 208 -33.04 -16.51 -27.45
N PHE C 209 -34.09 -16.85 -26.70
CA PHE C 209 -34.79 -18.12 -26.87
C PHE C 209 -36.26 -17.95 -26.51
N ASN C 210 -37.13 -18.58 -27.30
CA ASN C 210 -38.56 -18.65 -27.01
C ASN C 210 -38.82 -19.95 -26.25
N ARG C 211 -39.40 -19.86 -25.07
CA ARG C 211 -39.65 -21.05 -24.26
C ARG C 211 -40.67 -21.97 -24.93
N GLY C 212 -40.28 -23.23 -25.11
CA GLY C 212 -41.13 -24.20 -25.78
C GLY C 212 -40.88 -24.27 -27.28
#